data_5XC1
#
_entry.id   5XC1
#
_cell.length_a   55.000
_cell.length_b   75.730
_cell.length_c   176.600
_cell.angle_alpha   90.000
_cell.angle_beta   90.000
_cell.angle_gamma   90.000
#
_symmetry.space_group_name_H-M   'P 21 21 21'
#
loop_
_entity.id
_entity.type
_entity.pdbx_description
1 polymer Beta-xylanase
2 non-polymer 'MAGNESIUM ION'
3 non-polymer S-1,2-PROPANEDIOL
4 non-polymer 'SODIUM ION'
5 water water
#
_entity_poly.entity_id   1
_entity_poly.type   'polypeptide(L)'
_entity_poly.pdbx_seq_one_letter_code
;MVQPFAAQVASLADRYEESFDIGAAVEPHQLNGRQGKVLKHHYNSIVAENAMKPISLQPEEGVFTWDGADAIVEFARKNN
MNLRFHTLVWHNQVPDWFFLDEEGNPMVEETNEAKRQANKELLLERLETHIKTVVERYKDDVTAWDVVNEVVDDGTPNER
GLRESVWYQITGDEYIRVAFETARKYAGEDAKLFINDYNTEVTPKRDHLYNLVQDLLADGVPIDGVGHQAHIQIDWPTID
EIRTSMEMFAGLGLDNQVTELDVSLYGWPPRPAFPTYDAIPQERFQAQADRYNQLFELYEELDADLSSVTFWGIADNHTW
LDDRAREYNDGVGKDAPFVFDPNYRVKPAFWRIID
;
_entity_poly.pdbx_strand_id   A,B
#
loop_
_chem_comp.id
_chem_comp.type
_chem_comp.name
_chem_comp.formula
MG non-polymer 'MAGNESIUM ION' 'Mg 2'
NA non-polymer 'SODIUM ION' 'Na 1'
PGO non-polymer S-1,2-PROPANEDIOL 'C3 H8 O2'
#
# COMPACT_ATOMS: atom_id res chain seq x y z
N VAL A 2 -3.23 26.29 -38.27
CA VAL A 2 -2.01 26.33 -37.36
C VAL A 2 -2.07 27.51 -36.33
N GLN A 3 -1.82 27.16 -35.10
CA GLN A 3 -1.86 28.12 -33.98
C GLN A 3 -0.53 28.83 -33.84
N PRO A 4 -0.55 30.07 -33.34
CA PRO A 4 0.72 30.81 -33.17
C PRO A 4 1.65 30.23 -32.10
N PHE A 5 2.91 30.57 -32.19
CA PHE A 5 3.89 30.24 -31.14
C PHE A 5 3.59 31.00 -29.84
N ALA A 6 3.99 30.37 -28.74
CA ALA A 6 3.75 30.90 -27.40
C ALA A 6 4.33 32.28 -27.19
N ALA A 7 5.47 32.56 -27.77
CA ALA A 7 6.10 33.89 -27.63
C ALA A 7 5.38 35.00 -28.38
N GLN A 8 4.40 34.66 -29.23
CA GLN A 8 3.64 35.66 -29.97
C GLN A 8 2.30 36.03 -29.33
N VAL A 9 1.99 35.40 -28.21
CA VAL A 9 0.70 35.66 -27.54
C VAL A 9 0.95 36.36 -26.21
N ALA A 10 -0.13 36.84 -25.59
CA ALA A 10 -0.03 37.63 -24.37
C ALA A 10 0.50 36.84 -23.20
N SER A 11 1.45 37.40 -22.46
CA SER A 11 1.96 36.75 -21.26
C SER A 11 0.87 36.35 -20.26
N LEU A 12 0.86 35.09 -19.87
CA LEU A 12 -0.05 34.61 -18.85
C LEU A 12 0.21 35.28 -17.48
N ALA A 13 1.48 35.37 -17.08
CA ALA A 13 1.81 36.02 -15.84
C ALA A 13 1.23 37.45 -15.76
N ASP A 14 1.39 38.23 -16.83
CA ASP A 14 0.89 39.61 -16.84
C ASP A 14 -0.63 39.63 -16.77
N ARG A 15 -1.31 38.73 -17.51
CA ARG A 15 -2.76 38.62 -17.49
C ARG A 15 -3.26 38.40 -16.06
N TYR A 16 -2.51 37.66 -15.27
CA TYR A 16 -2.95 37.35 -13.93
C TYR A 16 -2.26 38.14 -12.82
N GLU A 17 -1.60 39.22 -13.14
CA GLU A 17 -0.71 39.89 -12.14
C GLU A 17 -1.50 40.47 -10.94
N GLU A 18 -2.79 40.78 -11.10
CA GLU A 18 -3.60 41.26 -9.95
C GLU A 18 -4.11 40.08 -9.06
N SER A 19 -4.01 38.85 -9.55
CA SER A 19 -4.62 37.75 -8.92
C SER A 19 -3.60 36.77 -8.28
N PHE A 20 -2.67 36.25 -9.05
CA PHE A 20 -1.74 35.24 -8.61
C PHE A 20 -0.60 35.04 -9.60
N ASP A 21 0.50 34.49 -9.10
CA ASP A 21 1.61 34.08 -9.94
C ASP A 21 1.19 32.98 -10.90
N ILE A 22 1.94 32.86 -11.98
CA ILE A 22 1.72 31.79 -12.93
C ILE A 22 3.07 31.09 -13.03
N GLY A 23 3.10 29.81 -12.65
CA GLY A 23 4.32 29.07 -12.49
C GLY A 23 4.43 27.79 -13.31
N ALA A 24 5.65 27.26 -13.38
CA ALA A 24 5.89 25.98 -14.06
C ALA A 24 6.93 25.16 -13.37
N ALA A 25 6.74 23.85 -13.39
CA ALA A 25 7.70 22.91 -12.91
C ALA A 25 8.71 22.70 -14.03
N VAL A 26 10.01 22.74 -13.67
CA VAL A 26 11.12 22.66 -14.60
C VAL A 26 12.20 21.66 -14.15
N GLU A 27 12.96 21.19 -15.13
CA GLU A 27 14.20 20.49 -14.92
C GLU A 27 15.37 21.40 -15.37
N PRO A 28 16.58 21.22 -14.81
CA PRO A 28 17.71 22.06 -15.25
C PRO A 28 18.02 22.08 -16.78
N HIS A 29 17.90 20.96 -17.47
CA HIS A 29 18.11 20.95 -18.91
C HIS A 29 17.11 21.78 -19.75
N GLN A 30 15.99 22.21 -19.16
CA GLN A 30 14.99 23.00 -19.87
C GLN A 30 15.18 24.49 -19.81
N LEU A 31 16.22 24.94 -19.12
CA LEU A 31 16.43 26.38 -18.81
C LEU A 31 17.30 27.17 -19.88
N ASN A 32 17.11 26.80 -21.11
CA ASN A 32 17.69 27.39 -22.28
C ASN A 32 16.72 27.00 -23.48
N GLY A 33 17.12 27.34 -24.71
CA GLY A 33 16.33 26.97 -25.91
C GLY A 33 14.88 27.46 -25.89
N ARG A 34 14.02 26.68 -26.48
CA ARG A 34 12.64 27.07 -26.66
C ARG A 34 11.81 27.12 -25.33
N GLN A 35 12.05 26.17 -24.47
CA GLN A 35 11.48 26.21 -23.11
C GLN A 35 11.88 27.45 -22.32
N GLY A 36 13.18 27.76 -22.34
CA GLY A 36 13.73 28.99 -21.75
C GLY A 36 12.93 30.20 -22.21
N LYS A 37 12.68 30.29 -23.49
CA LYS A 37 11.94 31.42 -24.09
C LYS A 37 10.49 31.47 -23.59
N VAL A 38 9.84 30.32 -23.59
CA VAL A 38 8.44 30.24 -23.18
C VAL A 38 8.35 30.64 -21.70
N LEU A 39 9.24 30.08 -20.90
CA LEU A 39 9.30 30.43 -19.47
C LEU A 39 9.38 31.90 -19.22
N LYS A 40 10.37 32.54 -19.86
CA LYS A 40 10.59 33.99 -19.66
C LYS A 40 9.41 34.83 -20.11
N HIS A 41 8.74 34.39 -21.16
CA HIS A 41 7.66 35.15 -21.73
C HIS A 41 6.39 35.10 -20.83
N HIS A 42 6.09 33.91 -20.34
CA HIS A 42 4.78 33.65 -19.76
C HIS A 42 4.68 33.51 -18.27
N TYR A 43 5.80 33.19 -17.60
CA TYR A 43 5.76 32.74 -16.19
C TYR A 43 6.57 33.64 -15.28
N ASN A 44 6.11 33.81 -14.03
CA ASN A 44 6.79 34.61 -13.01
C ASN A 44 7.03 33.79 -11.76
N SER A 45 7.02 32.47 -11.88
CA SER A 45 7.36 31.58 -10.79
C SER A 45 7.78 30.27 -11.38
N ILE A 46 8.65 29.57 -10.66
CA ILE A 46 9.06 28.23 -11.05
C ILE A 46 9.21 27.36 -9.81
N VAL A 47 9.23 26.05 -10.03
CA VAL A 47 9.45 25.06 -9.03
C VAL A 47 10.32 23.97 -9.69
N ALA A 48 11.08 23.25 -8.88
CA ALA A 48 11.84 22.13 -9.40
C ALA A 48 10.96 20.90 -9.48
N GLU A 49 10.80 20.35 -10.66
CA GLU A 49 10.11 19.05 -10.78
C GLU A 49 10.76 17.96 -9.98
N ASN A 50 12.09 17.94 -9.94
CA ASN A 50 12.82 16.83 -9.30
C ASN A 50 14.02 17.25 -8.49
N ALA A 51 14.70 18.32 -8.88
CA ALA A 51 16.06 18.56 -8.36
C ALA A 51 16.13 19.04 -6.88
N MET A 52 14.99 19.33 -6.24
CA MET A 52 15.00 19.78 -4.83
C MET A 52 14.30 18.82 -3.87
N LYS A 53 13.91 17.65 -4.39
CA LYS A 53 13.45 16.59 -3.51
C LYS A 53 14.60 16.08 -2.64
N PRO A 54 14.28 15.41 -1.55
CA PRO A 54 15.34 15.04 -0.59
C PRO A 54 16.52 14.20 -1.14
N ILE A 55 16.23 13.20 -1.96
CA ILE A 55 17.25 12.37 -2.52
C ILE A 55 18.13 13.15 -3.54
N SER A 56 17.53 14.17 -4.20
CA SER A 56 18.25 15.03 -5.10
C SER A 56 19.23 15.97 -4.40
N LEU A 57 19.00 16.22 -3.10
CA LEU A 57 19.85 17.16 -2.31
C LEU A 57 20.84 16.50 -1.32
N GLN A 58 20.46 15.38 -0.69
CA GLN A 58 21.33 14.72 0.26
C GLN A 58 21.33 13.24 0.06
N PRO A 59 21.93 12.75 -1.05
CA PRO A 59 21.82 11.32 -1.36
C PRO A 59 22.55 10.40 -0.37
N GLU A 60 23.54 10.94 0.33
CA GLU A 60 24.24 10.26 1.44
C GLU A 60 24.30 11.25 2.57
N GLU A 61 24.39 10.78 3.80
CA GLU A 61 24.42 11.69 4.96
C GLU A 61 25.66 12.58 4.92
N GLY A 62 25.45 13.88 5.10
CA GLY A 62 26.56 14.85 5.04
C GLY A 62 27.02 15.20 3.65
N VAL A 63 26.48 14.55 2.62
CA VAL A 63 26.88 14.74 1.20
C VAL A 63 25.75 15.42 0.46
N PHE A 64 25.92 16.70 0.21
CA PHE A 64 24.91 17.49 -0.45
C PHE A 64 25.28 17.73 -1.90
N THR A 65 24.29 17.52 -2.79
CA THR A 65 24.45 17.74 -4.22
C THR A 65 23.54 18.89 -4.70
N TRP A 66 24.11 20.06 -4.76
CA TRP A 66 23.36 21.29 -4.98
C TRP A 66 23.16 21.75 -6.44
N ASP A 67 23.88 21.20 -7.40
CA ASP A 67 24.01 21.84 -8.72
C ASP A 67 22.72 21.99 -9.52
N GLY A 68 21.91 20.95 -9.66
CA GLY A 68 20.63 21.07 -10.41
C GLY A 68 19.73 22.15 -9.78
N ALA A 69 19.60 22.06 -8.46
CA ALA A 69 18.82 23.00 -7.67
C ALA A 69 19.37 24.39 -7.82
N ASP A 70 20.68 24.55 -7.65
CA ASP A 70 21.34 25.88 -7.83
C ASP A 70 21.06 26.52 -9.21
N ALA A 71 21.17 25.71 -10.28
CA ALA A 71 20.86 26.17 -11.62
C ALA A 71 19.39 26.71 -11.74
N ILE A 72 18.44 26.03 -11.08
CA ILE A 72 17.02 26.46 -11.07
C ILE A 72 16.88 27.82 -10.35
N VAL A 73 17.49 27.94 -9.18
CA VAL A 73 17.53 29.19 -8.41
C VAL A 73 18.17 30.36 -9.20
N GLU A 74 19.28 30.05 -9.90
CA GLU A 74 19.96 31.05 -10.70
C GLU A 74 19.05 31.56 -11.81
N PHE A 75 18.39 30.65 -12.51
CA PHE A 75 17.45 31.00 -13.53
C PHE A 75 16.30 31.86 -13.00
N ALA A 76 15.71 31.50 -11.88
CA ALA A 76 14.66 32.28 -11.30
C ALA A 76 15.11 33.71 -10.99
N ARG A 77 16.29 33.82 -10.37
CA ARG A 77 16.82 35.13 -10.00
C ARG A 77 17.11 36.02 -11.24
N LYS A 78 17.84 35.46 -12.21
CA LYS A 78 18.15 36.15 -13.47
C LYS A 78 16.89 36.68 -14.18
N ASN A 79 15.81 35.91 -14.10
CA ASN A 79 14.55 36.28 -14.82
C ASN A 79 13.46 36.85 -13.94
N ASN A 80 13.79 37.21 -12.70
CA ASN A 80 12.90 37.84 -11.76
C ASN A 80 11.64 37.01 -11.49
N MET A 81 11.85 35.72 -11.29
CA MET A 81 10.79 34.79 -10.96
C MET A 81 10.77 34.43 -9.47
N ASN A 82 9.57 34.31 -8.91
CA ASN A 82 9.38 33.64 -7.67
C ASN A 82 9.76 32.19 -7.78
N LEU A 83 9.99 31.58 -6.63
CA LEU A 83 10.47 30.20 -6.54
C LEU A 83 9.80 29.43 -5.40
N ARG A 84 9.16 28.33 -5.73
CA ARG A 84 8.57 27.42 -4.79
C ARG A 84 9.56 26.34 -4.56
N PHE A 85 9.68 25.89 -3.30
CA PHE A 85 10.61 24.79 -2.95
C PHE A 85 9.83 23.50 -2.81
N HIS A 86 10.09 22.54 -3.65
CA HIS A 86 9.48 21.21 -3.60
C HIS A 86 10.59 20.15 -3.49
N THR A 87 10.69 19.43 -2.38
CA THR A 87 9.93 19.55 -1.13
C THR A 87 10.85 19.09 0.00
N LEU A 88 10.60 19.57 1.22
CA LEU A 88 11.48 19.25 2.35
C LEU A 88 11.31 17.82 2.80
N VAL A 89 10.07 17.35 2.77
CA VAL A 89 9.67 16.07 3.32
C VAL A 89 8.71 15.34 2.40
N TRP A 90 9.10 14.10 2.02
CA TRP A 90 8.23 13.22 1.22
C TRP A 90 8.66 11.78 1.48
N HIS A 91 7.75 10.85 1.21
CA HIS A 91 7.99 9.41 1.39
C HIS A 91 8.56 8.72 0.16
N ASN A 92 8.57 9.41 -0.98
CA ASN A 92 9.28 8.94 -2.21
C ASN A 92 10.37 9.93 -2.54
N GLN A 93 11.28 9.49 -3.43
CA GLN A 93 12.45 10.21 -3.79
C GLN A 93 13.11 10.82 -2.52
N VAL A 94 13.33 9.91 -1.57
CA VAL A 94 13.86 10.19 -0.27
C VAL A 94 14.90 9.07 0.05
N PRO A 95 16.08 9.46 0.53
CA PRO A 95 17.16 8.47 0.59
C PRO A 95 16.94 7.49 1.70
N ASP A 96 17.28 6.23 1.43
CA ASP A 96 17.15 5.15 2.41
C ASP A 96 17.91 5.39 3.69
N TRP A 97 19.07 6.07 3.59
CA TRP A 97 19.94 6.21 4.78
C TRP A 97 19.23 6.92 5.95
N PHE A 98 18.27 7.82 5.65
CA PHE A 98 17.42 8.46 6.69
C PHE A 98 16.86 7.45 7.70
N PHE A 99 16.39 6.32 7.19
CA PHE A 99 15.55 5.42 7.95
C PHE A 99 16.27 4.15 8.48
N LEU A 100 17.60 4.17 8.47
CA LEU A 100 18.41 3.08 9.02
C LEU A 100 18.91 3.44 10.44
N ASP A 101 18.83 2.46 11.35
CA ASP A 101 19.32 2.62 12.72
C ASP A 101 20.86 2.67 12.76
N GLU A 102 21.43 2.88 13.94
CA GLU A 102 22.89 3.02 14.06
C GLU A 102 23.69 1.81 13.63
N GLU A 103 23.08 0.61 13.63
CA GLU A 103 23.74 -0.60 13.11
C GLU A 103 23.45 -0.91 11.62
N GLY A 104 22.70 -0.06 10.93
CA GLY A 104 22.42 -0.23 9.50
C GLY A 104 21.15 -1.00 9.15
N ASN A 105 20.33 -1.34 10.15
CA ASN A 105 19.06 -2.06 9.89
C ASN A 105 17.87 -1.12 9.82
N PRO A 106 16.87 -1.45 9.03
CA PRO A 106 15.72 -0.51 8.95
C PRO A 106 15.09 -0.26 10.32
N MET A 107 14.89 1.00 10.66
CA MET A 107 14.24 1.38 11.91
C MET A 107 12.84 0.78 12.06
N VAL A 108 12.10 0.60 10.97
CA VAL A 108 10.74 0.03 11.07
C VAL A 108 10.70 -1.40 11.64
N GLU A 109 11.79 -2.15 11.43
CA GLU A 109 11.99 -3.49 12.00
C GLU A 109 12.20 -3.55 13.51
N GLU A 110 12.47 -2.43 14.18
CA GLU A 110 12.81 -2.46 15.63
C GLU A 110 11.59 -2.74 16.53
N THR A 111 11.77 -3.68 17.44
CA THR A 111 10.73 -4.11 18.38
C THR A 111 10.93 -3.61 19.83
N ASN A 112 12.16 -3.35 20.27
CA ASN A 112 12.43 -2.86 21.65
C ASN A 112 11.97 -1.40 21.74
N GLU A 113 11.04 -1.11 22.64
CA GLU A 113 10.44 0.20 22.76
C GLU A 113 11.48 1.34 22.98
N ALA A 114 12.51 1.10 23.79
CA ALA A 114 13.51 2.14 24.04
C ALA A 114 14.37 2.42 22.78
N LYS A 115 14.76 1.38 22.05
CA LYS A 115 15.48 1.58 20.78
C LYS A 115 14.58 2.33 19.76
N ARG A 116 13.28 2.03 19.74
CA ARG A 116 12.33 2.73 18.90
C ARG A 116 12.26 4.22 19.21
N GLN A 117 12.31 4.58 20.49
CA GLN A 117 12.31 5.97 20.93
C GLN A 117 13.58 6.67 20.50
N ALA A 118 14.72 6.00 20.67
CA ALA A 118 15.99 6.49 20.17
C ALA A 118 16.00 6.64 18.64
N ASN A 119 15.36 5.72 17.92
CA ASN A 119 15.28 5.82 16.47
C ASN A 119 14.45 7.02 16.04
N LYS A 120 13.33 7.24 16.73
CA LYS A 120 12.46 8.38 16.49
C LYS A 120 13.26 9.68 16.65
N GLU A 121 13.96 9.81 17.77
CA GLU A 121 14.80 10.99 18.01
C GLU A 121 15.95 11.15 16.96
N LEU A 122 16.55 10.08 16.51
CA LEU A 122 17.61 10.15 15.51
C LEU A 122 17.06 10.59 14.15
N LEU A 123 15.93 10.03 13.73
CA LEU A 123 15.31 10.40 12.49
C LEU A 123 14.90 11.85 12.51
N LEU A 124 14.31 12.29 13.61
CA LEU A 124 13.93 13.70 13.74
C LEU A 124 15.11 14.68 13.69
N GLU A 125 16.19 14.32 14.33
CA GLU A 125 17.42 15.08 14.28
C GLU A 125 17.98 15.12 12.82
N ARG A 126 17.97 13.99 12.14
CA ARG A 126 18.37 13.94 10.73
C ARG A 126 17.48 14.83 9.85
N LEU A 127 16.17 14.79 10.07
CA LEU A 127 15.23 15.63 9.36
C LEU A 127 15.54 17.14 9.55
N GLU A 128 15.73 17.50 10.81
CA GLU A 128 16.10 18.85 11.19
C GLU A 128 17.41 19.34 10.50
N THR A 129 18.41 18.48 10.45
CA THR A 129 19.71 18.80 9.79
C THR A 129 19.52 19.04 8.29
N HIS A 130 18.70 18.18 7.65
CA HIS A 130 18.43 18.32 6.24
C HIS A 130 17.71 19.64 5.97
N ILE A 131 16.64 19.88 6.73
CA ILE A 131 15.91 21.14 6.61
C ILE A 131 16.79 22.38 6.90
N LYS A 132 17.47 22.41 8.04
CA LYS A 132 18.39 23.51 8.37
C LYS A 132 19.38 23.83 7.26
N THR A 133 20.02 22.79 6.71
CA THR A 133 21.02 22.98 5.66
C THR A 133 20.41 23.54 4.38
N VAL A 134 19.33 22.93 3.90
CA VAL A 134 18.61 23.38 2.70
C VAL A 134 18.02 24.78 2.86
N VAL A 135 17.33 25.02 3.95
CA VAL A 135 16.74 26.35 4.19
C VAL A 135 17.84 27.44 4.33
N GLU A 136 18.96 27.12 4.97
CA GLU A 136 20.05 28.11 5.04
C GLU A 136 20.55 28.52 3.63
N ARG A 137 20.59 27.57 2.68
CA ARG A 137 21.06 27.89 1.38
C ARG A 137 20.05 28.69 0.56
N TYR A 138 18.76 28.42 0.71
CA TYR A 138 17.79 28.93 -0.24
C TYR A 138 16.78 29.88 0.36
N LYS A 139 16.95 30.24 1.62
CA LYS A 139 15.96 31.10 2.31
C LYS A 139 15.74 32.49 1.67
N ASP A 140 16.77 33.04 0.98
CA ASP A 140 16.67 34.35 0.36
C ASP A 140 16.16 34.27 -1.08
N ASP A 141 15.95 33.06 -1.60
CA ASP A 141 15.35 32.86 -2.92
C ASP A 141 13.92 32.31 -2.95
N VAL A 142 13.60 31.42 -2.01
CA VAL A 142 12.35 30.69 -2.02
C VAL A 142 11.25 31.63 -1.51
N THR A 143 10.14 31.67 -2.25
CA THR A 143 8.94 32.49 -1.86
C THR A 143 7.75 31.64 -1.31
N ALA A 144 7.86 30.32 -1.43
CA ALA A 144 6.87 29.35 -0.87
C ALA A 144 7.59 27.99 -0.69
N TRP A 145 7.51 27.42 0.49
CA TRP A 145 8.03 26.09 0.80
C TRP A 145 6.91 25.04 0.85
N ASP A 146 7.01 23.96 0.03
CA ASP A 146 6.30 22.67 0.35
C ASP A 146 7.10 21.96 1.43
N VAL A 147 6.73 22.22 2.70
CA VAL A 147 7.48 21.76 3.84
C VAL A 147 7.28 20.25 4.00
N VAL A 148 6.02 19.82 3.88
CA VAL A 148 5.71 18.42 3.78
C VAL A 148 4.85 18.17 2.55
N ASN A 149 5.01 16.99 1.97
CA ASN A 149 4.30 16.60 0.79
C ASN A 149 3.63 15.28 1.04
N GLU A 150 2.32 15.23 0.81
CA GLU A 150 1.54 13.98 0.74
C GLU A 150 1.55 13.22 2.08
N VAL A 151 1.40 13.97 3.19
CA VAL A 151 1.35 13.32 4.52
C VAL A 151 -0.02 12.83 4.90
N VAL A 152 -1.04 13.15 4.10
CA VAL A 152 -2.41 12.68 4.37
C VAL A 152 -2.76 11.49 3.53
N ASP A 153 -3.52 10.56 4.11
CA ASP A 153 -3.88 9.33 3.43
C ASP A 153 -5.08 9.52 2.51
N ASP A 154 -5.15 8.68 1.48
CA ASP A 154 -6.31 8.63 0.60
C ASP A 154 -7.54 7.93 1.21
N GLY A 155 -7.31 7.04 2.20
CA GLY A 155 -8.37 6.36 2.98
C GLY A 155 -8.30 6.70 4.49
N THR A 156 -8.56 5.72 5.36
CA THR A 156 -8.62 6.01 6.79
C THR A 156 -7.97 4.90 7.60
N PRO A 157 -6.65 4.73 7.48
CA PRO A 157 -5.97 3.66 8.20
C PRO A 157 -5.80 3.89 9.70
N ASN A 158 -5.96 5.13 10.10
CA ASN A 158 -5.99 5.55 11.46
C ASN A 158 -7.03 6.68 11.48
N GLU A 159 -7.39 7.06 12.68
CA GLU A 159 -8.52 7.98 12.93
C GLU A 159 -8.23 9.42 12.37
N ARG A 160 -6.98 9.84 12.32
CA ARG A 160 -6.59 11.15 11.77
C ARG A 160 -6.38 11.18 10.22
N GLY A 161 -6.49 10.02 9.60
CA GLY A 161 -6.28 9.86 8.17
C GLY A 161 -4.89 10.18 7.70
N LEU A 162 -3.87 9.92 8.53
CA LEU A 162 -2.50 10.22 8.23
C LEU A 162 -1.83 9.08 7.49
N ARG A 163 -1.09 9.39 6.44
CA ARG A 163 -0.43 8.39 5.62
C ARG A 163 0.55 7.61 6.49
N GLU A 164 0.45 6.28 6.45
CA GLU A 164 1.31 5.45 7.30
C GLU A 164 2.60 5.11 6.56
N SER A 165 3.30 6.14 6.10
CA SER A 165 4.61 5.97 5.49
C SER A 165 5.62 5.67 6.60
N VAL A 166 6.84 5.40 6.18
CA VAL A 166 7.98 5.20 7.10
C VAL A 166 8.16 6.36 8.10
N TRP A 167 7.91 7.61 7.66
CA TRP A 167 7.97 8.75 8.56
C TRP A 167 6.97 8.59 9.73
N TYR A 168 5.75 8.13 9.40
CA TYR A 168 4.70 7.95 10.40
C TYR A 168 4.95 6.74 11.28
N GLN A 169 5.38 5.66 10.64
CA GLN A 169 5.70 4.44 11.38
C GLN A 169 6.77 4.71 12.41
N ILE A 170 7.75 5.56 12.11
CA ILE A 170 8.86 5.82 13.05
C ILE A 170 8.55 6.97 14.04
N THR A 171 7.85 8.02 13.59
CA THR A 171 7.66 9.20 14.43
C THR A 171 6.23 9.61 14.79
N GLY A 172 5.24 8.85 14.33
CA GLY A 172 3.84 9.30 14.40
C GLY A 172 3.69 10.57 13.55
N ASP A 173 3.00 11.57 14.12
CA ASP A 173 2.86 12.85 13.46
C ASP A 173 4.01 13.86 13.71
N GLU A 174 5.00 13.47 14.49
CA GLU A 174 6.02 14.39 14.98
C GLU A 174 6.89 14.94 13.90
N TYR A 175 7.08 14.17 12.82
CA TYR A 175 7.90 14.63 11.70
C TYR A 175 7.28 15.83 11.06
N ILE A 176 5.96 15.89 11.05
CA ILE A 176 5.23 16.99 10.46
C ILE A 176 5.43 18.22 11.31
N ARG A 177 5.28 18.11 12.62
CA ARG A 177 5.51 19.26 13.54
C ARG A 177 6.92 19.76 13.41
N VAL A 178 7.87 18.85 13.45
CA VAL A 178 9.29 19.21 13.41
C VAL A 178 9.67 19.85 12.10
N ALA A 179 9.04 19.42 11.00
CA ALA A 179 9.39 20.00 9.69
C ALA A 179 8.93 21.47 9.61
N PHE A 180 7.70 21.75 10.02
CA PHE A 180 7.21 23.15 10.03
C PHE A 180 7.99 24.02 10.98
N GLU A 181 8.21 23.55 12.21
CA GLU A 181 8.92 24.35 13.21
C GLU A 181 10.37 24.64 12.83
N THR A 182 11.05 23.63 12.27
CA THR A 182 12.40 23.73 11.75
C THR A 182 12.49 24.71 10.59
N ALA A 183 11.56 24.61 9.64
CA ALA A 183 11.52 25.52 8.51
C ALA A 183 11.30 26.98 8.96
N ARG A 184 10.33 27.18 9.86
CA ARG A 184 10.06 28.52 10.36
C ARG A 184 11.31 29.10 11.05
N LYS A 185 11.93 28.27 11.87
CA LYS A 185 13.09 28.70 12.65
C LYS A 185 14.22 29.18 11.76
N TYR A 186 14.58 28.40 10.73
CA TYR A 186 15.73 28.78 9.89
C TYR A 186 15.41 29.73 8.71
N ALA A 187 14.16 29.75 8.22
CA ALA A 187 13.79 30.59 7.09
C ALA A 187 13.34 31.98 7.53
N GLY A 188 12.98 32.11 8.80
CA GLY A 188 12.44 33.37 9.27
C GLY A 188 10.95 33.45 9.18
N GLU A 189 10.47 34.44 9.89
CA GLU A 189 9.04 34.70 10.09
C GLU A 189 8.26 34.99 8.80
N ASP A 190 8.93 35.64 7.83
CA ASP A 190 8.29 35.98 6.57
C ASP A 190 8.20 34.81 5.53
N ALA A 191 8.89 33.70 5.79
CA ALA A 191 8.86 32.55 4.89
C ALA A 191 7.43 31.97 4.85
N LYS A 192 7.00 31.53 3.68
CA LYS A 192 5.63 30.99 3.52
C LYS A 192 5.66 29.49 3.45
N LEU A 193 5.07 28.87 4.49
CA LEU A 193 5.12 27.43 4.70
C LEU A 193 3.83 26.73 4.32
N PHE A 194 3.96 25.75 3.42
CA PHE A 194 2.83 25.03 2.87
C PHE A 194 2.87 23.55 3.19
N ILE A 195 1.66 23.01 3.40
CA ILE A 195 1.40 21.56 3.37
C ILE A 195 0.81 21.30 1.98
N ASN A 196 1.49 20.44 1.22
CA ASN A 196 1.12 20.15 -0.18
C ASN A 196 0.52 18.74 -0.33
N ASP A 197 -0.55 18.61 -1.12
CA ASP A 197 -1.09 17.30 -1.36
C ASP A 197 -1.94 17.26 -2.61
N TYR A 198 -2.16 16.03 -3.11
CA TYR A 198 -3.15 15.74 -4.18
C TYR A 198 -4.52 15.31 -3.61
N ASN A 199 -5.55 15.41 -4.45
CA ASN A 199 -6.96 15.11 -4.09
C ASN A 199 -7.44 15.84 -2.84
N THR A 200 -6.98 17.08 -2.69
CA THR A 200 -7.51 17.98 -1.65
C THR A 200 -8.97 18.42 -1.81
N GLU A 201 -9.60 18.04 -2.92
CA GLU A 201 -10.99 18.43 -3.25
C GLU A 201 -12.04 17.39 -2.86
N VAL A 202 -11.60 16.18 -2.54
CA VAL A 202 -12.51 15.05 -2.30
C VAL A 202 -12.33 14.44 -0.89
N THR A 203 -13.41 13.82 -0.43
CA THR A 203 -13.53 13.29 0.92
C THR A 203 -13.26 11.79 0.83
N PRO A 204 -12.71 11.20 1.89
CA PRO A 204 -12.40 11.84 3.16
C PRO A 204 -11.08 12.62 3.26
N LYS A 205 -10.20 12.54 2.28
CA LYS A 205 -8.88 13.17 2.36
C LYS A 205 -8.93 14.66 2.73
N ARG A 206 -9.81 15.38 2.07
CA ARG A 206 -9.99 16.78 2.32
C ARG A 206 -10.23 17.10 3.80
N ASP A 207 -11.10 16.32 4.42
CA ASP A 207 -11.46 16.50 5.83
C ASP A 207 -10.34 16.06 6.75
N HIS A 208 -9.66 14.98 6.42
CA HIS A 208 -8.49 14.61 7.19
C HIS A 208 -7.45 15.76 7.13
N LEU A 209 -7.24 16.36 5.97
CA LEU A 209 -6.24 17.42 5.84
C LEU A 209 -6.68 18.68 6.64
N TYR A 210 -7.96 19.02 6.52
CA TYR A 210 -8.56 20.08 7.28
C TYR A 210 -8.34 19.90 8.77
N ASN A 211 -8.67 18.68 9.28
CA ASN A 211 -8.51 18.35 10.71
C ASN A 211 -7.02 18.44 11.13
N LEU A 212 -6.12 17.96 10.26
CA LEU A 212 -4.67 18.02 10.54
C LEU A 212 -4.21 19.50 10.68
N VAL A 213 -4.62 20.34 9.74
CA VAL A 213 -4.18 21.74 9.79
C VAL A 213 -4.78 22.48 10.98
N GLN A 214 -6.04 22.21 11.29
CA GLN A 214 -6.70 22.74 12.51
C GLN A 214 -5.95 22.36 13.76
N ASP A 215 -5.59 21.08 13.86
CA ASP A 215 -4.84 20.57 15.01
C ASP A 215 -3.48 21.26 15.15
N LEU A 216 -2.73 21.32 14.06
CA LEU A 216 -1.41 21.89 14.11
C LEU A 216 -1.45 23.42 14.37
N LEU A 217 -2.41 24.12 13.78
CA LEU A 217 -2.60 25.51 14.10
C LEU A 217 -2.95 25.74 15.57
N ALA A 218 -3.77 24.86 16.15
CA ALA A 218 -4.10 24.95 17.56
C ALA A 218 -2.90 24.82 18.50
N ASP A 219 -1.91 24.03 18.11
CA ASP A 219 -0.64 23.87 18.82
C ASP A 219 0.43 24.94 18.50
N GLY A 220 0.12 25.96 17.72
CA GLY A 220 1.10 26.99 17.32
C GLY A 220 2.14 26.52 16.29
N VAL A 221 1.87 25.42 15.60
CA VAL A 221 2.73 24.95 14.57
C VAL A 221 2.56 25.95 13.38
N PRO A 222 3.69 26.49 12.89
CA PRO A 222 3.59 27.52 11.87
C PRO A 222 3.24 26.92 10.48
N ILE A 223 2.02 27.09 10.03
CA ILE A 223 1.58 26.66 8.69
C ILE A 223 0.87 27.89 8.14
N ASP A 224 1.29 28.31 6.93
CA ASP A 224 0.72 29.46 6.23
C ASP A 224 -0.30 29.12 5.13
N GLY A 225 -0.16 27.95 4.50
CA GLY A 225 -1.14 27.58 3.52
C GLY A 225 -1.15 26.13 3.08
N VAL A 226 -2.10 25.84 2.18
CA VAL A 226 -2.30 24.51 1.64
C VAL A 226 -2.03 24.57 0.17
N GLY A 227 -1.21 23.60 -0.25
CA GLY A 227 -0.84 23.43 -1.67
C GLY A 227 -1.75 22.36 -2.26
N HIS A 228 -2.50 22.76 -3.27
CA HIS A 228 -3.43 21.84 -3.98
C HIS A 228 -2.69 21.39 -5.23
N GLN A 229 -2.22 20.14 -5.26
CA GLN A 229 -1.52 19.69 -6.46
C GLN A 229 -2.36 19.88 -7.73
N ALA A 230 -3.63 19.59 -7.65
CA ALA A 230 -4.53 19.70 -8.79
C ALA A 230 -4.12 18.83 -9.98
N HIS A 231 -3.82 17.56 -9.70
CA HIS A 231 -3.71 16.61 -10.79
C HIS A 231 -5.14 16.16 -11.09
N ILE A 232 -5.76 16.88 -12.00
CA ILE A 232 -7.22 16.77 -12.24
C ILE A 232 -7.53 16.27 -13.66
N GLN A 233 -8.80 16.07 -13.89
CA GLN A 233 -9.31 15.56 -15.17
C GLN A 233 -10.23 16.63 -15.72
N ILE A 234 -10.81 16.37 -16.89
CA ILE A 234 -11.73 17.28 -17.51
C ILE A 234 -13.03 17.50 -16.75
N ASP A 235 -13.62 16.43 -16.24
CA ASP A 235 -14.92 16.45 -15.52
C ASP A 235 -14.81 16.27 -14.00
N TRP A 236 -13.63 15.97 -13.49
CA TRP A 236 -13.44 15.61 -12.11
C TRP A 236 -12.14 16.26 -11.59
N PRO A 237 -12.11 16.80 -10.37
CA PRO A 237 -13.25 17.02 -9.52
C PRO A 237 -14.13 18.14 -10.06
N THR A 238 -15.29 18.34 -9.48
CA THR A 238 -16.14 19.45 -9.92
C THR A 238 -15.53 20.77 -9.47
N ILE A 239 -15.92 21.80 -10.19
CA ILE A 239 -15.63 23.19 -9.86
C ILE A 239 -16.01 23.49 -8.40
N ASP A 240 -17.23 23.10 -8.03
CA ASP A 240 -17.66 23.27 -6.66
C ASP A 240 -16.84 22.51 -5.58
N GLU A 241 -16.44 21.29 -5.89
CA GLU A 241 -15.52 20.56 -5.03
C GLU A 241 -14.20 21.32 -4.82
N ILE A 242 -13.66 21.87 -5.91
CA ILE A 242 -12.47 22.69 -5.86
C ILE A 242 -12.69 23.94 -5.02
N ARG A 243 -13.77 24.65 -5.29
CA ARG A 243 -14.14 25.85 -4.56
C ARG A 243 -14.26 25.60 -3.07
N THR A 244 -15.01 24.57 -2.74
CA THR A 244 -15.34 24.27 -1.34
C THR A 244 -14.05 24.03 -0.56
N SER A 245 -13.14 23.25 -1.17
CA SER A 245 -11.88 22.93 -0.53
C SER A 245 -11.07 24.22 -0.25
N MET A 246 -10.91 25.09 -1.24
CA MET A 246 -10.18 26.33 -1.01
C MET A 246 -10.82 27.26 0.05
N GLU A 247 -12.14 27.35 0.02
CA GLU A 247 -12.87 28.13 0.99
C GLU A 247 -12.75 27.60 2.42
N MET A 248 -12.78 26.29 2.57
CA MET A 248 -12.57 25.65 3.85
C MET A 248 -11.20 26.07 4.45
N PHE A 249 -10.13 25.98 3.66
CA PHE A 249 -8.83 26.34 4.18
C PHE A 249 -8.67 27.84 4.41
N ALA A 250 -9.24 28.65 3.55
CA ALA A 250 -9.28 30.08 3.75
C ALA A 250 -10.05 30.38 5.05
N GLY A 251 -11.05 29.58 5.37
CA GLY A 251 -11.77 29.69 6.63
C GLY A 251 -10.92 29.55 7.90
N LEU A 252 -9.81 28.84 7.83
CA LEU A 252 -8.82 28.77 8.93
C LEU A 252 -7.75 29.83 8.91
N GLY A 253 -7.88 30.81 8.00
CA GLY A 253 -6.84 31.83 7.85
C GLY A 253 -5.61 31.34 7.05
N LEU A 254 -5.76 30.25 6.28
CA LEU A 254 -4.68 29.77 5.41
C LEU A 254 -4.76 30.31 3.95
N ASP A 255 -3.61 30.55 3.36
CA ASP A 255 -3.48 30.76 1.93
C ASP A 255 -3.65 29.43 1.16
N ASN A 256 -4.08 29.52 -0.08
CA ASN A 256 -4.10 28.41 -1.02
C ASN A 256 -3.12 28.71 -2.15
N GLN A 257 -2.41 27.68 -2.61
CA GLN A 257 -1.74 27.70 -3.91
C GLN A 257 -2.12 26.46 -4.68
N VAL A 258 -2.26 26.60 -5.99
CA VAL A 258 -2.32 25.46 -6.90
C VAL A 258 -0.88 25.20 -7.36
N THR A 259 -0.40 23.98 -7.11
CA THR A 259 1.03 23.71 -7.17
C THR A 259 1.53 22.83 -8.30
N GLU A 260 0.69 21.95 -8.83
CA GLU A 260 1.13 20.96 -9.80
C GLU A 260 0.03 20.72 -10.87
N LEU A 261 -0.65 21.78 -11.29
CA LEU A 261 -1.84 21.66 -12.12
C LEU A 261 -1.54 20.94 -13.41
N ASP A 262 -2.31 19.90 -13.68
CA ASP A 262 -2.37 19.41 -15.03
C ASP A 262 -3.78 18.87 -15.27
N VAL A 263 -4.28 19.05 -16.49
CA VAL A 263 -5.64 18.61 -16.84
C VAL A 263 -5.49 17.46 -17.82
N SER A 264 -5.50 16.23 -17.30
CA SER A 264 -5.40 15.04 -18.14
C SER A 264 -6.56 14.93 -19.13
N LEU A 265 -6.24 14.36 -20.29
CA LEU A 265 -7.30 14.00 -21.26
C LEU A 265 -8.03 12.75 -20.88
N TYR A 266 -7.59 12.08 -19.83
CA TYR A 266 -8.17 10.80 -19.47
C TYR A 266 -8.80 10.79 -18.09
N GLY A 267 -9.41 9.64 -17.79
CA GLY A 267 -9.83 9.29 -16.46
C GLY A 267 -8.68 8.70 -15.66
N TRP A 268 -9.09 7.99 -14.59
CA TRP A 268 -8.15 7.25 -13.74
C TRP A 268 -8.63 5.79 -13.57
N PRO A 269 -7.81 4.80 -13.93
CA PRO A 269 -6.50 4.99 -14.61
C PRO A 269 -6.65 5.54 -16.05
N PRO A 270 -5.58 6.07 -16.63
CA PRO A 270 -5.73 6.71 -17.91
C PRO A 270 -5.75 5.71 -19.06
N ARG A 271 -6.88 5.02 -19.23
CA ARG A 271 -7.06 4.12 -20.36
C ARG A 271 -8.50 4.16 -20.80
N PRO A 272 -8.76 3.94 -22.09
CA PRO A 272 -7.73 3.83 -23.14
C PRO A 272 -7.12 5.20 -23.48
N ALA A 273 -5.80 5.23 -23.76
CA ALA A 273 -5.09 6.46 -24.14
C ALA A 273 -4.75 6.45 -25.64
N PHE A 274 -4.75 7.64 -26.24
CA PHE A 274 -4.33 7.76 -27.61
C PHE A 274 -2.83 7.43 -27.66
N PRO A 275 -2.38 6.73 -28.71
CA PRO A 275 -0.96 6.33 -28.78
C PRO A 275 0.08 7.42 -29.11
N THR A 276 -0.34 8.45 -29.87
CA THR A 276 0.49 9.60 -30.28
C THR A 276 -0.26 10.91 -30.05
N TYR A 277 0.46 12.01 -29.98
CA TYR A 277 -0.15 13.31 -29.90
C TYR A 277 -1.11 13.59 -31.08
N ASP A 278 -0.60 13.30 -32.28
CA ASP A 278 -1.29 13.36 -33.56
C ASP A 278 -2.60 12.63 -33.59
N ALA A 279 -2.65 11.51 -32.88
CA ALA A 279 -3.89 10.73 -32.80
C ALA A 279 -5.00 11.38 -31.95
N ILE A 280 -4.68 12.40 -31.16
CA ILE A 280 -5.65 13.00 -30.24
C ILE A 280 -6.64 13.85 -31.03
N PRO A 281 -7.92 13.61 -30.87
CA PRO A 281 -8.87 14.40 -31.66
C PRO A 281 -9.13 15.75 -31.04
N GLN A 282 -9.46 16.67 -31.94
CA GLN A 282 -9.83 18.03 -31.67
C GLN A 282 -10.82 18.15 -30.50
N GLU A 283 -11.80 17.26 -30.43
CA GLU A 283 -12.76 17.30 -29.32
C GLU A 283 -12.10 17.27 -27.90
N ARG A 284 -11.00 16.54 -27.77
CA ARG A 284 -10.30 16.51 -26.48
C ARG A 284 -9.74 17.88 -26.09
N PHE A 285 -9.17 18.55 -27.08
CA PHE A 285 -8.63 19.86 -26.87
C PHE A 285 -9.70 20.90 -26.58
N GLN A 286 -10.87 20.71 -27.16
CA GLN A 286 -12.01 21.64 -26.93
C GLN A 286 -12.62 21.48 -25.56
N ALA A 287 -12.83 20.27 -25.17
CA ALA A 287 -13.37 19.96 -23.86
C ALA A 287 -12.36 20.42 -22.76
N GLN A 288 -11.06 20.23 -23.00
CA GLN A 288 -10.01 20.72 -22.11
C GLN A 288 -10.07 22.24 -22.00
N ALA A 289 -10.29 22.91 -23.14
CA ALA A 289 -10.33 24.34 -23.14
C ALA A 289 -11.50 24.88 -22.29
N ASP A 290 -12.68 24.29 -22.46
CA ASP A 290 -13.82 24.67 -21.62
C ASP A 290 -13.51 24.45 -20.14
N ARG A 291 -12.89 23.32 -19.83
CA ARG A 291 -12.50 23.00 -18.48
C ARG A 291 -11.54 24.07 -17.90
N TYR A 292 -10.51 24.41 -18.68
CA TYR A 292 -9.54 25.40 -18.26
C TYR A 292 -10.20 26.77 -18.03
N ASN A 293 -11.14 27.12 -18.90
CA ASN A 293 -11.91 28.36 -18.73
C ASN A 293 -12.52 28.42 -17.36
N GLN A 294 -13.23 27.38 -16.99
CA GLN A 294 -13.95 27.36 -15.76
C GLN A 294 -13.02 27.35 -14.56
N LEU A 295 -11.93 26.59 -14.65
CA LEU A 295 -10.88 26.62 -13.62
C LEU A 295 -10.36 27.97 -13.34
N PHE A 296 -9.88 28.65 -14.38
CA PHE A 296 -9.28 30.01 -14.23
C PHE A 296 -10.27 31.08 -13.85
N GLU A 297 -11.55 30.92 -14.22
CA GLU A 297 -12.62 31.83 -13.71
C GLU A 297 -12.85 31.64 -12.19
N LEU A 298 -12.79 30.37 -11.75
CA LEU A 298 -12.85 30.07 -10.35
C LEU A 298 -11.62 30.62 -9.61
N TYR A 299 -10.45 30.38 -10.15
CA TYR A 299 -9.21 30.93 -9.53
C TYR A 299 -9.28 32.43 -9.37
N GLU A 300 -9.77 33.14 -10.38
CA GLU A 300 -9.93 34.61 -10.31
C GLU A 300 -10.97 35.02 -9.25
N GLU A 301 -12.12 34.35 -9.25
CA GLU A 301 -13.16 34.60 -8.21
C GLU A 301 -12.53 34.44 -6.78
N LEU A 302 -11.64 33.42 -6.62
CA LEU A 302 -11.02 33.10 -5.34
C LEU A 302 -9.69 33.80 -5.06
N ASP A 303 -9.37 34.84 -5.81
CA ASP A 303 -8.00 35.35 -5.81
C ASP A 303 -7.55 36.07 -4.52
N ALA A 304 -8.49 36.51 -3.66
CA ALA A 304 -8.12 36.98 -2.36
C ALA A 304 -7.43 35.83 -1.57
N ASP A 305 -7.81 34.56 -1.83
CA ASP A 305 -7.34 33.42 -1.07
C ASP A 305 -6.47 32.46 -1.84
N LEU A 306 -5.91 32.93 -2.94
CA LEU A 306 -5.10 32.14 -3.86
C LEU A 306 -4.02 33.06 -4.39
N SER A 307 -2.78 32.76 -4.05
CA SER A 307 -1.62 33.58 -4.37
C SER A 307 -0.77 33.10 -5.56
N SER A 308 -0.90 31.83 -5.99
CA SER A 308 -0.04 31.26 -7.00
C SER A 308 -0.64 30.05 -7.66
N VAL A 309 -0.56 29.95 -8.98
CA VAL A 309 -1.04 28.81 -9.76
C VAL A 309 0.13 28.32 -10.59
N THR A 310 0.67 27.17 -10.24
CA THR A 310 1.73 26.51 -10.97
C THR A 310 1.24 25.26 -11.73
N PHE A 311 1.68 25.14 -12.96
CA PHE A 311 1.43 23.99 -13.79
C PHE A 311 2.57 23.01 -13.60
N TRP A 312 2.30 21.71 -13.67
CA TRP A 312 3.36 20.71 -13.48
C TRP A 312 4.11 20.39 -14.79
N GLY A 313 4.65 21.45 -15.39
CA GLY A 313 5.34 21.39 -16.69
C GLY A 313 5.07 22.66 -17.48
N ILE A 314 5.64 22.72 -18.68
CA ILE A 314 5.58 23.92 -19.52
C ILE A 314 4.66 23.61 -20.71
N ALA A 315 5.11 22.67 -21.53
CA ALA A 315 4.40 22.31 -22.75
C ALA A 315 4.29 20.84 -22.86
N ASP A 316 3.37 20.40 -23.75
CA ASP A 316 2.98 19.01 -23.82
C ASP A 316 4.09 18.04 -24.24
N ASN A 317 5.29 18.51 -24.54
CA ASN A 317 6.40 17.61 -24.89
C ASN A 317 6.98 16.99 -23.64
N HIS A 318 6.77 17.60 -22.47
CA HIS A 318 7.31 17.06 -21.23
C HIS A 318 6.24 17.08 -20.10
N THR A 319 5.70 15.90 -19.82
CA THR A 319 4.76 15.71 -18.73
C THR A 319 4.84 14.27 -18.19
N TRP A 320 4.85 14.15 -16.85
CA TRP A 320 4.79 12.86 -16.17
C TRP A 320 3.48 12.09 -16.40
N LEU A 321 2.43 12.74 -16.82
CA LEU A 321 1.23 12.02 -17.27
C LEU A 321 1.46 11.06 -18.44
N ASP A 322 2.49 11.30 -19.26
CA ASP A 322 2.90 10.37 -20.31
C ASP A 322 3.40 9.07 -19.69
N ASP A 323 4.24 9.16 -18.64
CA ASP A 323 4.68 7.97 -17.91
C ASP A 323 3.47 7.15 -17.46
N ARG A 324 2.44 7.83 -16.94
CA ARG A 324 1.23 7.16 -16.45
C ARG A 324 0.41 6.55 -17.56
N ALA A 325 0.26 7.29 -18.66
CA ALA A 325 -0.45 6.76 -19.83
C ALA A 325 0.23 5.51 -20.37
N ARG A 326 1.56 5.53 -20.49
CA ARG A 326 2.35 4.37 -21.00
C ARG A 326 2.26 3.18 -20.05
N GLU A 327 2.39 3.44 -18.75
CA GLU A 327 2.18 2.42 -17.68
C GLU A 327 0.87 1.64 -17.80
N TYR A 328 -0.25 2.30 -18.09
CA TYR A 328 -1.59 1.64 -18.11
C TYR A 328 -2.09 1.28 -19.51
N ASN A 329 -1.22 1.40 -20.52
CA ASN A 329 -1.56 1.14 -21.91
C ASN A 329 -0.38 0.45 -22.65
N ASP A 330 0.31 -0.49 -22.00
CA ASP A 330 1.37 -1.34 -22.63
C ASP A 330 2.59 -0.58 -23.14
N GLY A 331 3.01 0.43 -22.38
CA GLY A 331 4.15 1.26 -22.74
C GLY A 331 3.91 2.27 -23.86
N VAL A 332 2.67 2.41 -24.32
CA VAL A 332 2.29 3.29 -25.47
C VAL A 332 1.12 4.23 -25.09
N GLY A 333 1.38 5.53 -25.13
CA GLY A 333 0.34 6.51 -24.81
C GLY A 333 0.86 7.91 -24.58
N LYS A 334 -0.03 8.87 -24.83
CA LYS A 334 0.34 10.31 -24.83
C LYS A 334 -0.82 11.04 -24.19
N ASP A 335 -0.52 11.86 -23.18
CA ASP A 335 -1.48 12.79 -22.60
C ASP A 335 -1.11 14.18 -23.13
N ALA A 336 -1.90 15.20 -22.76
CA ALA A 336 -1.72 16.54 -23.30
C ALA A 336 -2.31 17.59 -22.39
N PRO A 337 -1.65 17.84 -21.24
CA PRO A 337 -2.31 18.54 -20.17
C PRO A 337 -2.30 20.06 -20.12
N PHE A 338 -1.45 20.74 -20.91
CA PHE A 338 -1.15 22.17 -20.72
C PHE A 338 -1.83 23.07 -21.74
N VAL A 339 -1.55 24.38 -21.70
CA VAL A 339 -2.07 25.27 -22.74
C VAL A 339 -1.15 25.44 -23.95
N PHE A 340 0.00 24.74 -23.91
CA PHE A 340 1.06 24.83 -24.94
C PHE A 340 1.38 23.44 -25.42
N ASP A 341 1.39 23.27 -26.73
CA ASP A 341 1.56 21.99 -27.40
C ASP A 341 3.04 21.61 -27.49
N PRO A 342 3.36 20.40 -28.01
CA PRO A 342 4.79 19.94 -27.96
C PRO A 342 5.74 20.78 -28.81
N ASN A 343 5.21 21.57 -29.75
CA ASN A 343 6.02 22.47 -30.53
C ASN A 343 6.04 23.89 -29.95
N TYR A 344 5.54 24.09 -28.75
CA TYR A 344 5.42 25.41 -28.13
C TYR A 344 4.47 26.39 -28.84
N ARG A 345 3.50 25.84 -29.57
CA ARG A 345 2.41 26.62 -30.13
C ARG A 345 1.27 26.58 -29.16
N VAL A 346 0.44 27.58 -29.18
CA VAL A 346 -0.70 27.59 -28.27
C VAL A 346 -1.74 26.54 -28.66
N LYS A 347 -2.49 26.09 -27.65
CA LYS A 347 -3.64 25.23 -27.77
C LYS A 347 -4.95 25.98 -27.50
N PRO A 348 -6.10 25.37 -27.87
CA PRO A 348 -7.39 26.09 -27.63
C PRO A 348 -7.57 26.53 -26.17
N ALA A 349 -7.00 25.81 -25.23
CA ALA A 349 -7.09 26.20 -23.84
C ALA A 349 -6.39 27.50 -23.52
N PHE A 350 -5.28 27.81 -24.20
CA PHE A 350 -4.61 29.10 -24.01
C PHE A 350 -5.56 30.30 -24.15
N TRP A 351 -6.32 30.29 -25.25
CA TRP A 351 -7.25 31.39 -25.58
C TRP A 351 -8.32 31.57 -24.52
N ARG A 352 -8.76 30.45 -23.94
CA ARG A 352 -9.80 30.42 -22.94
C ARG A 352 -9.37 30.80 -21.54
N ILE A 353 -8.05 30.84 -21.29
CA ILE A 353 -7.53 31.42 -20.03
C ILE A 353 -6.82 32.77 -20.16
N ILE A 354 -6.48 33.21 -21.36
CA ILE A 354 -5.91 34.55 -21.54
C ILE A 354 -6.97 35.64 -21.68
N ASP A 355 -8.18 35.28 -22.11
CA ASP A 355 -9.29 36.24 -22.28
C ASP A 355 -9.93 36.78 -20.98
N VAL B 2 -7.56 -33.41 35.50
CA VAL B 2 -8.64 -32.54 36.05
C VAL B 2 -9.61 -32.26 34.93
N GLN B 3 -9.19 -31.62 33.84
CA GLN B 3 -10.11 -31.28 32.73
C GLN B 3 -10.40 -32.49 31.85
N PRO B 4 -11.62 -32.57 31.31
CA PRO B 4 -11.97 -33.69 30.45
C PRO B 4 -11.21 -33.74 29.13
N PHE B 5 -11.11 -34.93 28.56
CA PHE B 5 -10.59 -35.11 27.22
C PHE B 5 -11.51 -34.49 26.17
N ALA B 6 -10.91 -34.10 25.06
CA ALA B 6 -11.60 -33.42 23.96
C ALA B 6 -12.80 -34.19 23.45
N ALA B 7 -12.69 -35.50 23.36
CA ALA B 7 -13.82 -36.32 22.88
C ALA B 7 -14.98 -36.45 23.88
N GLN B 8 -14.79 -35.96 25.10
CA GLN B 8 -15.86 -35.96 26.12
C GLN B 8 -16.67 -34.67 26.18
N VAL B 9 -16.30 -33.68 25.39
CA VAL B 9 -17.03 -32.39 25.41
C VAL B 9 -17.74 -32.18 24.10
N ALA B 10 -18.61 -31.17 24.06
CA ALA B 10 -19.47 -30.95 22.87
C ALA B 10 -18.67 -30.54 21.65
N SER B 11 -18.98 -31.15 20.52
CA SER B 11 -18.38 -30.83 19.25
C SER B 11 -18.42 -29.35 18.91
N LEU B 12 -17.28 -28.79 18.58
CA LEU B 12 -17.17 -27.41 18.14
C LEU B 12 -17.88 -27.19 16.82
N ALA B 13 -17.66 -28.08 15.87
CA ALA B 13 -18.31 -27.97 14.57
C ALA B 13 -19.84 -27.86 14.73
N ASP B 14 -20.42 -28.74 15.55
CA ASP B 14 -21.87 -28.74 15.75
C ASP B 14 -22.32 -27.46 16.44
N ARG B 15 -21.58 -26.99 17.44
CA ARG B 15 -21.88 -25.72 18.11
C ARG B 15 -21.98 -24.57 17.12
N TYR B 16 -21.12 -24.59 16.12
CA TYR B 16 -21.08 -23.48 15.17
C TYR B 16 -21.69 -23.78 13.83
N GLU B 17 -22.48 -24.84 13.70
CA GLU B 17 -22.91 -25.28 12.37
C GLU B 17 -23.80 -24.25 11.61
N GLU B 18 -24.49 -23.37 12.33
CA GLU B 18 -25.30 -22.34 11.70
C GLU B 18 -24.44 -21.08 11.33
N SER B 19 -23.21 -20.99 11.79
CA SER B 19 -22.39 -19.85 11.53
C SER B 19 -21.25 -20.09 10.53
N PHE B 20 -20.41 -21.08 10.76
CA PHE B 20 -19.24 -21.36 9.93
C PHE B 20 -18.64 -22.74 10.24
N ASP B 21 -17.87 -23.26 9.29
CA ASP B 21 -17.07 -24.44 9.50
C ASP B 21 -16.05 -24.22 10.64
N ILE B 22 -15.65 -25.32 11.25
CA ILE B 22 -14.57 -25.30 12.26
C ILE B 22 -13.52 -26.23 11.72
N GLY B 23 -12.33 -25.70 11.42
CA GLY B 23 -11.30 -26.43 10.73
C GLY B 23 -9.96 -26.56 11.45
N ALA B 24 -9.11 -27.45 10.95
CA ALA B 24 -7.75 -27.57 11.50
C ALA B 24 -6.77 -27.93 10.44
N ALA B 25 -5.56 -27.38 10.62
CA ALA B 25 -4.45 -27.72 9.77
C ALA B 25 -3.86 -29.02 10.27
N VAL B 26 -3.56 -29.91 9.31
CA VAL B 26 -3.05 -31.25 9.56
C VAL B 26 -1.86 -31.66 8.69
N GLU B 27 -1.11 -32.62 9.17
CA GLU B 27 -0.12 -33.38 8.42
C GLU B 27 -0.62 -34.82 8.22
N PRO B 28 -0.15 -35.54 7.17
CA PRO B 28 -0.55 -36.94 6.98
C PRO B 28 -0.42 -37.89 8.20
N HIS B 29 0.67 -37.79 8.96
CA HIS B 29 0.81 -38.68 10.14
C HIS B 29 -0.22 -38.42 11.28
N GLN B 30 -0.91 -37.28 11.23
CA GLN B 30 -1.89 -36.92 12.25
C GLN B 30 -3.29 -37.34 11.97
N LEU B 31 -3.52 -38.10 10.89
CA LEU B 31 -4.86 -38.54 10.48
C LEU B 31 -5.38 -39.85 11.14
N ASN B 32 -4.64 -40.32 12.16
CA ASN B 32 -5.09 -41.41 12.97
C ASN B 32 -4.65 -41.10 14.42
N GLY B 33 -4.67 -42.10 15.30
CA GLY B 33 -4.33 -41.89 16.71
C GLY B 33 -5.25 -40.86 17.34
N ARG B 34 -4.72 -40.19 18.33
CA ARG B 34 -5.55 -39.30 19.12
C ARG B 34 -5.98 -38.00 18.42
N GLN B 35 -5.08 -37.47 17.60
CA GLN B 35 -5.40 -36.38 16.69
C GLN B 35 -6.56 -36.71 15.74
N GLY B 36 -6.46 -37.87 15.09
CA GLY B 36 -7.53 -38.37 14.20
C GLY B 36 -8.88 -38.35 14.89
N LYS B 37 -8.90 -38.82 16.14
CA LYS B 37 -10.13 -38.88 16.92
C LYS B 37 -10.67 -37.46 17.25
N VAL B 38 -9.77 -36.59 17.66
CA VAL B 38 -10.18 -35.22 18.03
C VAL B 38 -10.69 -34.52 16.79
N LEU B 39 -9.99 -34.69 15.68
CA LEU B 39 -10.42 -34.13 14.40
C LEU B 39 -11.83 -34.50 14.05
N LYS B 40 -12.13 -35.80 14.05
CA LYS B 40 -13.46 -36.29 13.69
C LYS B 40 -14.54 -35.80 14.63
N HIS B 41 -14.19 -35.65 15.89
CA HIS B 41 -15.17 -35.27 16.88
C HIS B 41 -15.56 -33.76 16.76
N HIS B 42 -14.54 -32.92 16.55
CA HIS B 42 -14.75 -31.48 16.68
C HIS B 42 -14.79 -30.66 15.41
N TYR B 43 -14.26 -31.21 14.31
CA TYR B 43 -13.99 -30.39 13.10
C TYR B 43 -14.73 -30.93 11.87
N ASN B 44 -15.12 -30.02 10.98
CA ASN B 44 -15.82 -30.36 9.73
C ASN B 44 -15.10 -29.75 8.50
N SER B 45 -13.84 -29.41 8.68
CA SER B 45 -13.01 -28.87 7.61
C SER B 45 -11.56 -29.10 7.99
N ILE B 46 -10.73 -29.27 6.97
CA ILE B 46 -9.31 -29.51 7.14
CA ILE B 46 -9.30 -29.40 7.18
C ILE B 46 -8.54 -28.69 6.08
N VAL B 47 -7.27 -28.45 6.37
CA VAL B 47 -6.34 -27.86 5.42
C VAL B 47 -5.00 -28.57 5.64
N ALA B 48 -4.21 -28.65 4.60
CA ALA B 48 -2.88 -29.28 4.72
C ALA B 48 -1.91 -28.24 5.26
N GLU B 49 -1.32 -28.50 6.41
CA GLU B 49 -0.30 -27.63 6.95
C GLU B 49 0.86 -27.43 5.97
N ASN B 50 1.26 -28.51 5.30
CA ASN B 50 2.44 -28.50 4.46
C ASN B 50 2.31 -29.27 3.16
N ALA B 51 1.52 -30.32 3.12
CA ALA B 51 1.58 -31.27 2.02
C ALA B 51 1.03 -30.78 0.65
N MET B 52 0.37 -29.61 0.62
CA MET B 52 -0.17 -29.09 -0.67
C MET B 52 0.48 -27.79 -1.12
N LYS B 53 1.54 -27.38 -0.41
CA LYS B 53 2.37 -26.29 -0.87
C LYS B 53 3.08 -26.67 -2.15
N PRO B 54 3.56 -25.68 -2.92
CA PRO B 54 4.09 -26.00 -4.25
C PRO B 54 5.28 -27.01 -4.29
N ILE B 55 6.21 -26.90 -3.36
CA ILE B 55 7.32 -27.79 -3.31
C ILE B 55 6.89 -29.20 -2.91
N SER B 56 5.83 -29.32 -2.12
CA SER B 56 5.28 -30.61 -1.71
C SER B 56 4.60 -31.33 -2.83
N LEU B 57 4.18 -30.62 -3.88
CA LEU B 57 3.50 -31.20 -5.05
C LEU B 57 4.34 -31.34 -6.33
N GLN B 58 5.21 -30.41 -6.63
CA GLN B 58 6.01 -30.49 -7.86
C GLN B 58 7.45 -30.14 -7.58
N PRO B 59 8.20 -31.01 -6.87
CA PRO B 59 9.54 -30.64 -6.45
C PRO B 59 10.55 -30.48 -7.60
N GLU B 60 10.28 -31.16 -8.72
CA GLU B 60 11.04 -31.01 -9.97
C GLU B 60 10.01 -30.86 -11.07
N GLU B 61 10.38 -30.22 -12.17
CA GLU B 61 9.41 -29.98 -13.25
C GLU B 61 8.94 -31.30 -13.86
N GLY B 62 7.62 -31.46 -13.98
CA GLY B 62 7.02 -32.67 -14.53
C GLY B 62 6.99 -33.84 -13.56
N VAL B 63 7.54 -33.66 -12.34
CA VAL B 63 7.59 -34.69 -11.29
C VAL B 63 6.64 -34.29 -10.16
N PHE B 64 5.50 -34.92 -10.13
CA PHE B 64 4.47 -34.61 -9.16
C PHE B 64 4.44 -35.66 -8.05
N THR B 65 4.43 -35.19 -6.79
CA THR B 65 4.43 -36.08 -5.61
C THR B 65 3.12 -35.91 -4.83
N TRP B 66 2.15 -36.75 -5.13
CA TRP B 66 0.79 -36.58 -4.65
C TRP B 66 0.41 -37.25 -3.29
N ASP B 67 1.26 -38.13 -2.75
CA ASP B 67 0.85 -39.03 -1.66
C ASP B 67 0.31 -38.35 -0.37
N GLY B 68 1.06 -37.42 0.22
CA GLY B 68 0.65 -36.77 1.46
C GLY B 68 -0.68 -36.05 1.26
N ALA B 69 -0.75 -35.30 0.15
CA ALA B 69 -1.94 -34.55 -0.22
C ALA B 69 -3.09 -35.47 -0.45
N ASP B 70 -2.87 -36.53 -1.25
CA ASP B 70 -3.93 -37.55 -1.48
C ASP B 70 -4.52 -38.16 -0.20
N ALA B 71 -3.65 -38.50 0.75
CA ALA B 71 -4.06 -39.05 2.04
C ALA B 71 -4.97 -38.03 2.81
N ILE B 72 -4.66 -36.74 2.74
CA ILE B 72 -5.48 -35.71 3.39
C ILE B 72 -6.85 -35.62 2.72
N VAL B 73 -6.89 -35.60 1.39
CA VAL B 73 -8.14 -35.64 0.60
C VAL B 73 -9.00 -36.88 0.92
N GLU B 74 -8.35 -38.03 1.03
CA GLU B 74 -9.03 -39.26 1.33
C GLU B 74 -9.71 -39.17 2.70
N PHE B 75 -8.97 -38.67 3.68
CA PHE B 75 -9.51 -38.46 5.00
C PHE B 75 -10.69 -37.49 5.00
N ALA B 76 -10.61 -36.38 4.30
CA ALA B 76 -11.73 -35.45 4.23
C ALA B 76 -12.96 -36.09 3.61
N ARG B 77 -12.76 -36.84 2.53
CA ARG B 77 -13.86 -37.58 1.84
C ARG B 77 -14.54 -38.58 2.79
N LYS B 78 -13.73 -39.47 3.35
CA LYS B 78 -14.20 -40.51 4.28
C LYS B 78 -14.98 -39.92 5.47
N ASN B 79 -14.54 -38.76 5.95
CA ASN B 79 -15.17 -38.16 7.13
C ASN B 79 -16.10 -37.00 6.85
N ASN B 80 -16.47 -36.81 5.59
CA ASN B 80 -17.41 -35.79 5.15
C ASN B 80 -17.00 -34.36 5.60
N MET B 81 -15.71 -34.06 5.41
CA MET B 81 -15.15 -32.77 5.80
C MET B 81 -14.91 -31.91 4.56
N ASN B 82 -15.17 -30.59 4.71
CA ASN B 82 -14.69 -29.62 3.78
C ASN B 82 -13.19 -29.57 3.79
N LEU B 83 -12.65 -29.02 2.71
CA LEU B 83 -11.21 -29.02 2.48
C LEU B 83 -10.76 -27.73 1.79
N ARG B 84 -9.85 -27.02 2.46
CA ARG B 84 -9.25 -25.83 1.92
C ARG B 84 -7.94 -26.25 1.31
N PHE B 85 -7.57 -25.64 0.20
CA PHE B 85 -6.30 -25.94 -0.50
C PHE B 85 -5.29 -24.84 -0.19
N HIS B 86 -4.20 -25.22 0.48
CA HIS B 86 -3.12 -24.33 0.84
C HIS B 86 -1.84 -24.88 0.28
N THR B 87 -1.21 -24.24 -0.71
CA THR B 87 -1.65 -23.02 -1.42
C THR B 87 -1.05 -23.14 -2.82
N LEU B 88 -1.70 -22.48 -3.80
CA LEU B 88 -1.22 -22.56 -5.18
C LEU B 88 0.06 -21.79 -5.39
N VAL B 89 0.17 -20.65 -4.70
CA VAL B 89 1.26 -19.72 -4.90
C VAL B 89 1.77 -19.14 -3.58
N TRP B 90 3.07 -19.35 -3.33
CA TRP B 90 3.77 -18.74 -2.18
C TRP B 90 5.25 -18.59 -2.49
N HIS B 91 5.92 -17.71 -1.78
CA HIS B 91 7.35 -17.40 -1.95
C HIS B 91 8.29 -18.27 -1.11
N ASN B 92 7.71 -19.03 -0.16
CA ASN B 92 8.46 -20.09 0.58
C ASN B 92 7.84 -21.41 0.25
N GLN B 93 8.60 -22.46 0.56
CA GLN B 93 8.23 -23.81 0.27
C GLN B 93 7.71 -23.93 -1.17
N VAL B 94 8.58 -23.40 -2.04
CA VAL B 94 8.36 -23.27 -3.46
C VAL B 94 9.68 -23.71 -4.18
N PRO B 95 9.57 -24.57 -5.20
CA PRO B 95 10.77 -25.18 -5.72
C PRO B 95 11.58 -24.18 -6.53
N ASP B 96 12.89 -24.29 -6.41
CA ASP B 96 13.81 -23.37 -7.07
C ASP B 96 13.70 -23.41 -8.59
N TRP B 97 13.38 -24.57 -9.15
CA TRP B 97 13.38 -24.76 -10.59
C TRP B 97 12.40 -23.77 -11.30
N PHE B 98 11.29 -23.39 -10.65
CA PHE B 98 10.39 -22.38 -11.16
C PHE B 98 11.11 -21.10 -11.65
N PHE B 99 12.08 -20.67 -10.86
CA PHE B 99 12.71 -19.37 -11.02
C PHE B 99 14.10 -19.37 -11.71
N LEU B 100 14.44 -20.47 -12.37
CA LEU B 100 15.67 -20.57 -13.17
C LEU B 100 15.37 -20.34 -14.66
N ASP B 101 16.22 -19.55 -15.32
CA ASP B 101 16.10 -19.27 -16.76
C ASP B 101 16.48 -20.52 -17.59
N GLU B 102 16.38 -20.42 -18.90
CA GLU B 102 16.66 -21.56 -19.79
C GLU B 102 18.08 -22.13 -19.68
N GLU B 103 19.04 -21.34 -19.21
CA GLU B 103 20.42 -21.84 -18.96
C GLU B 103 20.68 -22.30 -17.53
N GLY B 104 19.67 -22.25 -16.65
CA GLY B 104 19.80 -22.68 -15.26
C GLY B 104 20.27 -21.62 -14.28
N ASN B 105 20.34 -20.35 -14.69
CA ASN B 105 20.70 -19.26 -13.78
C ASN B 105 19.46 -18.58 -13.18
N PRO B 106 19.58 -18.08 -11.96
CA PRO B 106 18.38 -17.45 -11.38
C PRO B 106 17.88 -16.30 -12.25
N MET B 107 16.59 -16.28 -12.55
CA MET B 107 15.97 -15.20 -13.32
C MET B 107 16.17 -13.83 -12.68
N VAL B 108 16.17 -13.75 -11.35
CA VAL B 108 16.39 -12.40 -10.68
C VAL B 108 17.73 -11.75 -10.99
N GLU B 109 18.74 -12.57 -11.27
CA GLU B 109 20.06 -12.12 -11.70
C GLU B 109 20.16 -11.56 -13.12
N GLU B 110 19.12 -11.67 -13.95
CA GLU B 110 19.15 -11.16 -15.34
C GLU B 110 19.12 -9.63 -15.43
N THR B 111 20.05 -9.08 -16.19
CA THR B 111 20.18 -7.62 -16.36
C THR B 111 19.62 -7.08 -17.71
N ASN B 112 19.59 -7.91 -18.76
CA ASN B 112 19.01 -7.51 -20.08
C ASN B 112 17.48 -7.52 -19.93
N GLU B 113 16.87 -6.36 -20.11
CA GLU B 113 15.43 -6.20 -19.89
C GLU B 113 14.60 -7.12 -20.81
N ALA B 114 15.04 -7.35 -22.05
CA ALA B 114 14.28 -8.24 -22.96
C ALA B 114 14.33 -9.71 -22.50
N LYS B 115 15.48 -10.18 -22.05
CA LYS B 115 15.56 -11.52 -21.44
C LYS B 115 14.67 -11.62 -20.18
N ARG B 116 14.61 -10.55 -19.38
CA ARG B 116 13.75 -10.52 -18.20
C ARG B 116 12.26 -10.66 -18.60
N GLN B 117 11.86 -10.06 -19.74
CA GLN B 117 10.51 -10.20 -20.27
C GLN B 117 10.22 -11.61 -20.72
N ALA B 118 11.17 -12.23 -21.40
CA ALA B 118 11.08 -13.64 -21.73
C ALA B 118 11.01 -14.57 -20.48
N ASN B 119 11.76 -14.20 -19.45
CA ASN B 119 11.72 -14.93 -18.20
C ASN B 119 10.34 -14.86 -17.51
N LYS B 120 9.76 -13.67 -17.54
CA LYS B 120 8.41 -13.42 -17.05
C LYS B 120 7.40 -14.35 -17.71
N GLU B 121 7.41 -14.39 -19.04
CA GLU B 121 6.47 -15.26 -19.74
C GLU B 121 6.74 -16.81 -19.47
N LEU B 122 8.00 -17.20 -19.27
CA LEU B 122 8.31 -18.56 -18.95
C LEU B 122 7.79 -18.97 -17.54
N LEU B 123 8.03 -18.08 -16.58
CA LEU B 123 7.57 -18.31 -15.22
C LEU B 123 6.06 -18.41 -15.16
N LEU B 124 5.38 -17.52 -15.87
CA LEU B 124 3.92 -17.54 -15.93
C LEU B 124 3.34 -18.82 -16.55
N GLU B 125 3.96 -19.29 -17.62
CA GLU B 125 3.59 -20.54 -18.24
C GLU B 125 3.78 -21.74 -17.23
N ARG B 126 4.90 -21.75 -16.51
CA ARG B 126 5.16 -22.75 -15.54
C ARG B 126 4.11 -22.70 -14.39
N LEU B 127 3.78 -21.50 -13.93
CA LEU B 127 2.75 -21.28 -12.93
C LEU B 127 1.38 -21.88 -13.35
N GLU B 128 0.97 -21.52 -14.54
CA GLU B 128 -0.28 -21.99 -15.16
C GLU B 128 -0.34 -23.56 -15.23
N THR B 129 0.79 -24.18 -15.64
CA THR B 129 0.85 -25.62 -15.72
C THR B 129 0.69 -26.30 -14.34
N HIS B 130 1.35 -25.73 -13.33
CA HIS B 130 1.29 -26.23 -11.99
C HIS B 130 -0.12 -26.11 -11.46
N ILE B 131 -0.71 -24.92 -11.60
CA ILE B 131 -2.10 -24.72 -11.18
C ILE B 131 -3.09 -25.67 -11.90
N LYS B 132 -3.06 -25.68 -13.23
CA LYS B 132 -3.93 -26.55 -14.00
C LYS B 132 -3.82 -28.02 -13.55
N THR B 133 -2.60 -28.53 -13.37
CA THR B 133 -2.41 -29.92 -12.98
C THR B 133 -3.00 -30.21 -11.57
N VAL B 134 -2.66 -29.38 -10.59
CA VAL B 134 -3.19 -29.49 -9.21
C VAL B 134 -4.73 -29.33 -9.15
N VAL B 135 -5.25 -28.30 -9.78
CA VAL B 135 -6.69 -28.09 -9.79
C VAL B 135 -7.45 -29.26 -10.49
N GLU B 136 -6.91 -29.76 -11.59
CA GLU B 136 -7.54 -30.91 -12.24
C GLU B 136 -7.66 -32.13 -11.30
N ARG B 137 -6.66 -32.36 -10.48
CA ARG B 137 -6.71 -33.49 -9.57
C ARG B 137 -7.69 -33.27 -8.40
N TYR B 138 -7.80 -32.06 -7.88
CA TYR B 138 -8.46 -31.87 -6.59
C TYR B 138 -9.71 -31.01 -6.65
N LYS B 139 -10.14 -30.62 -7.84
CA LYS B 139 -11.29 -29.76 -8.01
C LYS B 139 -12.62 -30.26 -7.42
N ASP B 140 -12.79 -31.58 -7.32
CA ASP B 140 -14.02 -32.17 -6.79
C ASP B 140 -14.01 -32.30 -5.26
N ASP B 141 -12.86 -32.05 -4.65
CA ASP B 141 -12.68 -32.15 -3.18
C ASP B 141 -12.51 -30.84 -2.43
N VAL B 142 -11.90 -29.85 -3.10
CA VAL B 142 -11.55 -28.61 -2.47
C VAL B 142 -12.77 -27.75 -2.44
N THR B 143 -13.05 -27.14 -1.28
CA THR B 143 -14.17 -26.20 -1.11
C THR B 143 -13.75 -24.71 -0.98
N ALA B 144 -12.45 -24.47 -0.83
CA ALA B 144 -11.85 -23.11 -0.77
C ALA B 144 -10.38 -23.22 -1.22
N TRP B 145 -9.98 -22.40 -2.20
CA TRP B 145 -8.58 -22.35 -2.64
C TRP B 145 -7.89 -21.10 -2.09
N ASP B 146 -6.78 -21.25 -1.34
CA ASP B 146 -5.78 -20.16 -1.17
C ASP B 146 -4.94 -20.12 -2.46
N VAL B 147 -5.38 -19.28 -3.39
CA VAL B 147 -4.82 -19.23 -4.72
C VAL B 147 -3.46 -18.55 -4.65
N VAL B 148 -3.40 -17.43 -3.91
CA VAL B 148 -2.14 -16.83 -3.56
C VAL B 148 -2.03 -16.65 -2.04
N ASN B 149 -0.81 -16.72 -1.54
CA ASN B 149 -0.54 -16.58 -0.13
C ASN B 149 0.55 -15.53 0.05
N GLU B 150 0.24 -14.55 0.90
CA GLU B 150 1.26 -13.61 1.41
C GLU B 150 1.89 -12.75 0.30
N VAL B 151 1.07 -12.30 -0.64
CA VAL B 151 1.57 -11.45 -1.74
C VAL B 151 1.67 -9.96 -1.36
N VAL B 152 1.14 -9.58 -0.19
CA VAL B 152 1.17 -8.20 0.26
C VAL B 152 2.29 -8.00 1.28
N ASP B 153 2.94 -6.85 1.22
CA ASP B 153 4.08 -6.57 2.11
C ASP B 153 3.61 -6.06 3.47
N ASP B 154 4.44 -6.27 4.48
CA ASP B 154 4.22 -5.69 5.80
C ASP B 154 4.49 -4.20 5.91
N GLY B 155 5.37 -3.68 5.02
CA GLY B 155 5.73 -2.24 4.92
C GLY B 155 5.33 -1.66 3.56
N THR B 156 6.13 -0.72 3.04
CA THR B 156 5.76 -0.08 1.77
C THR B 156 6.97 0.07 0.87
N PRO B 157 7.50 -1.03 0.37
CA PRO B 157 8.69 -0.94 -0.50
C PRO B 157 8.37 -0.44 -1.92
N ASN B 158 7.10 -0.47 -2.28
CA ASN B 158 6.64 0.11 -3.51
C ASN B 158 5.26 0.70 -3.23
N GLU B 159 4.76 1.46 -4.19
CA GLU B 159 3.52 2.24 -4.04
C GLU B 159 2.29 1.37 -3.73
N ARG B 160 2.24 0.17 -4.30
CA ARG B 160 1.09 -0.76 -4.11
C ARG B 160 1.20 -1.69 -2.87
N GLY B 161 2.31 -1.57 -2.14
CA GLY B 161 2.59 -2.39 -0.99
C GLY B 161 2.73 -3.86 -1.23
N LEU B 162 3.22 -4.24 -2.42
CA LEU B 162 3.33 -5.62 -2.86
C LEU B 162 4.64 -6.21 -2.41
N ARG B 163 4.60 -7.42 -1.87
CA ARG B 163 5.79 -8.10 -1.38
C ARG B 163 6.73 -8.31 -2.55
N GLU B 164 8.00 -7.92 -2.37
CA GLU B 164 8.96 -7.99 -3.46
C GLU B 164 9.65 -9.34 -3.44
N SER B 165 8.83 -10.39 -3.47
CA SER B 165 9.31 -11.73 -3.57
C SER B 165 9.78 -11.95 -5.00
N VAL B 166 10.38 -13.10 -5.20
CA VAL B 166 10.81 -13.57 -6.51
C VAL B 166 9.69 -13.52 -7.59
N TRP B 167 8.47 -13.85 -7.19
CA TRP B 167 7.32 -13.78 -8.10
C TRP B 167 7.13 -12.33 -8.59
N TYR B 168 7.25 -11.36 -7.68
CA TYR B 168 7.07 -9.93 -8.00
C TYR B 168 8.24 -9.41 -8.79
N GLN B 169 9.43 -9.76 -8.37
CA GLN B 169 10.62 -9.30 -9.07
C GLN B 169 10.59 -9.76 -10.52
N ILE B 170 10.08 -10.97 -10.77
CA ILE B 170 10.06 -11.50 -12.15
C ILE B 170 8.81 -11.10 -12.95
N THR B 171 7.65 -11.01 -12.32
CA THR B 171 6.40 -10.76 -13.07
C THR B 171 5.59 -9.50 -12.70
N GLY B 172 6.08 -8.70 -11.75
CA GLY B 172 5.23 -7.68 -11.14
C GLY B 172 4.03 -8.31 -10.42
N ASP B 173 2.84 -7.82 -10.68
CA ASP B 173 1.62 -8.42 -10.14
C ASP B 173 0.99 -9.49 -11.04
N GLU B 174 1.60 -9.76 -12.19
CA GLU B 174 0.96 -10.62 -13.19
C GLU B 174 0.76 -12.06 -12.70
N TYR B 175 1.63 -12.52 -11.81
CA TYR B 175 1.51 -13.86 -11.25
C TYR B 175 0.21 -14.01 -10.48
N ILE B 176 -0.21 -12.94 -9.83
CA ILE B 176 -1.43 -12.91 -9.10
C ILE B 176 -2.61 -13.03 -10.07
N ARG B 177 -2.63 -12.25 -11.14
CA ARG B 177 -3.70 -12.35 -12.16
C ARG B 177 -3.78 -13.74 -12.74
N VAL B 178 -2.62 -14.26 -13.12
CA VAL B 178 -2.53 -15.57 -13.75
C VAL B 178 -3.00 -16.69 -12.84
N ALA B 179 -2.72 -16.53 -11.55
CA ALA B 179 -3.08 -17.59 -10.62
C ALA B 179 -4.61 -17.67 -10.46
N PHE B 180 -5.27 -16.53 -10.25
CA PHE B 180 -6.72 -16.54 -10.11
C PHE B 180 -7.41 -16.95 -11.41
N GLU B 181 -6.97 -16.44 -12.54
CA GLU B 181 -7.64 -16.75 -13.83
C GLU B 181 -7.49 -18.22 -14.21
N THR B 182 -6.29 -18.79 -13.96
CA THR B 182 -6.03 -20.20 -14.17
C THR B 182 -6.85 -21.08 -13.26
N ALA B 183 -6.91 -20.71 -11.97
CA ALA B 183 -7.72 -21.45 -11.01
C ALA B 183 -9.22 -21.42 -11.39
N ARG B 184 -9.74 -20.26 -11.74
CA ARG B 184 -11.15 -20.14 -12.16
C ARG B 184 -11.42 -21.03 -13.36
N LYS B 185 -10.52 -20.96 -14.33
CA LYS B 185 -10.70 -21.69 -15.58
C LYS B 185 -10.80 -23.19 -15.35
N TYR B 186 -9.88 -23.77 -14.57
CA TYR B 186 -9.85 -25.23 -14.39
C TYR B 186 -10.68 -25.78 -13.23
N ALA B 187 -10.97 -24.95 -12.22
CA ALA B 187 -11.78 -25.41 -11.09
C ALA B 187 -13.26 -25.19 -11.34
N GLY B 188 -13.59 -24.33 -12.27
CA GLY B 188 -14.98 -24.09 -12.57
C GLY B 188 -15.50 -22.87 -11.83
N GLU B 189 -16.69 -22.50 -12.27
CA GLU B 189 -17.36 -21.27 -11.84
C GLU B 189 -17.74 -21.26 -10.37
N ASP B 190 -18.10 -22.44 -9.83
CA ASP B 190 -18.52 -22.53 -8.42
C ASP B 190 -17.34 -22.57 -7.41
N ALA B 191 -16.10 -22.74 -7.90
CA ALA B 191 -14.91 -22.83 -7.05
C ALA B 191 -14.71 -21.51 -6.33
N LYS B 192 -14.31 -21.57 -5.06
CA LYS B 192 -14.18 -20.38 -4.22
C LYS B 192 -12.72 -20.05 -4.07
N LEU B 193 -12.34 -18.91 -4.64
CA LEU B 193 -10.97 -18.47 -4.76
C LEU B 193 -10.61 -17.36 -3.77
N PHE B 194 -9.57 -17.62 -2.96
CA PHE B 194 -9.16 -16.76 -1.88
C PHE B 194 -7.74 -16.22 -2.06
N ILE B 195 -7.57 -14.95 -1.63
CA ILE B 195 -6.31 -14.34 -1.35
C ILE B 195 -6.12 -14.46 0.16
N ASN B 196 -5.03 -15.13 0.58
CA ASN B 196 -4.73 -15.42 2.00
C ASN B 196 -3.54 -14.56 2.50
N ASP B 197 -3.64 -14.06 3.73
CA ASP B 197 -2.48 -13.32 4.26
C ASP B 197 -2.58 -13.16 5.76
N TYR B 198 -1.42 -12.90 6.38
CA TYR B 198 -1.34 -12.54 7.82
C TYR B 198 -1.34 -11.02 8.02
N ASN B 199 -1.68 -10.59 9.24
CA ASN B 199 -1.78 -9.16 9.59
C ASN B 199 -2.71 -8.37 8.66
N THR B 200 -3.79 -9.02 8.26
CA THR B 200 -4.89 -8.38 7.52
C THR B 200 -5.72 -7.41 8.38
N GLU B 201 -5.42 -7.30 9.66
CA GLU B 201 -6.17 -6.43 10.58
C GLU B 201 -5.56 -5.06 10.79
N VAL B 202 -4.29 -4.93 10.42
CA VAL B 202 -3.48 -3.75 10.75
C VAL B 202 -2.94 -3.04 9.49
N THR B 203 -2.75 -1.74 9.63
CA THR B 203 -2.34 -0.85 8.54
C THR B 203 -0.82 -0.66 8.66
N PRO B 204 -0.14 -0.45 7.54
CA PRO B 204 -0.74 -0.26 6.21
C PRO B 204 -1.12 -1.51 5.40
N LYS B 205 -0.70 -2.70 5.84
CA LYS B 205 -0.95 -3.95 5.08
C LYS B 205 -2.39 -4.15 4.68
N ARG B 206 -3.28 -3.96 5.64
CA ARG B 206 -4.70 -4.10 5.40
C ARG B 206 -5.17 -3.31 4.19
N ASP B 207 -4.76 -2.05 4.15
CA ASP B 207 -5.14 -1.13 3.06
C ASP B 207 -4.48 -1.49 1.75
N HIS B 208 -3.23 -1.87 1.79
CA HIS B 208 -2.58 -2.37 0.58
C HIS B 208 -3.36 -3.58 0.01
N LEU B 209 -3.78 -4.49 0.89
CA LEU B 209 -4.51 -5.66 0.44
C LEU B 209 -5.89 -5.29 -0.13
N TYR B 210 -6.57 -4.41 0.58
CA TYR B 210 -7.82 -3.89 0.16
C TYR B 210 -7.73 -3.26 -1.24
N ASN B 211 -6.74 -2.38 -1.43
CA ASN B 211 -6.50 -1.71 -2.74
C ASN B 211 -6.14 -2.72 -3.85
N LEU B 212 -5.36 -3.76 -3.50
CA LEU B 212 -5.02 -4.80 -4.47
C LEU B 212 -6.29 -5.54 -4.95
N VAL B 213 -7.15 -5.90 -4.00
CA VAL B 213 -8.35 -6.62 -4.35
C VAL B 213 -9.29 -5.77 -5.20
N GLN B 214 -9.44 -4.50 -4.83
CA GLN B 214 -10.25 -3.58 -5.64
C GLN B 214 -9.74 -3.46 -7.06
N ASP B 215 -8.42 -3.30 -7.19
CA ASP B 215 -7.77 -3.22 -8.50
C ASP B 215 -8.03 -4.47 -9.36
N LEU B 216 -7.79 -5.63 -8.78
CA LEU B 216 -7.98 -6.88 -9.50
C LEU B 216 -9.44 -7.14 -9.86
N LEU B 217 -10.35 -6.84 -8.95
CA LEU B 217 -11.76 -6.95 -9.26
C LEU B 217 -12.17 -6.03 -10.40
N ALA B 218 -11.63 -4.81 -10.42
CA ALA B 218 -11.97 -3.88 -11.47
C ALA B 218 -11.50 -4.35 -12.87
N ASP B 219 -10.41 -5.11 -12.93
CA ASP B 219 -9.94 -5.75 -14.17
C ASP B 219 -10.55 -7.13 -14.49
N GLY B 220 -11.57 -7.57 -13.76
CA GLY B 220 -12.22 -8.87 -14.00
C GLY B 220 -11.46 -10.09 -13.52
N VAL B 221 -10.49 -9.90 -12.64
CA VAL B 221 -9.80 -11.02 -12.03
C VAL B 221 -10.77 -11.68 -11.04
N PRO B 222 -10.95 -13.01 -11.16
CA PRO B 222 -11.95 -13.68 -10.29
C PRO B 222 -11.39 -13.89 -8.88
N ILE B 223 -11.89 -13.15 -7.91
CA ILE B 223 -11.50 -13.32 -6.49
C ILE B 223 -12.82 -13.35 -5.74
N ASP B 224 -13.02 -14.39 -4.91
CA ASP B 224 -14.24 -14.62 -4.10
C ASP B 224 -14.13 -14.28 -2.63
N GLY B 225 -12.91 -14.31 -2.06
CA GLY B 225 -12.80 -13.99 -0.65
C GLY B 225 -11.37 -13.73 -0.18
N VAL B 226 -11.28 -13.33 1.09
CA VAL B 226 -10.04 -13.05 1.76
C VAL B 226 -9.86 -14.00 2.91
N GLY B 227 -8.67 -14.60 2.97
CA GLY B 227 -8.28 -15.47 4.04
C GLY B 227 -7.46 -14.68 5.05
N HIS B 228 -7.97 -14.64 6.28
CA HIS B 228 -7.30 -13.95 7.38
C HIS B 228 -6.54 -15.01 8.17
N GLN B 229 -5.21 -15.04 8.06
CA GLN B 229 -4.48 -16.08 8.79
C GLN B 229 -4.75 -16.03 10.29
N ALA B 230 -4.84 -14.82 10.84
CA ALA B 230 -5.11 -14.65 12.28
C ALA B 230 -4.06 -15.32 13.16
N HIS B 231 -2.77 -15.09 12.85
CA HIS B 231 -1.73 -15.44 13.80
C HIS B 231 -1.65 -14.28 14.77
N ILE B 232 -2.43 -14.38 15.84
CA ILE B 232 -2.69 -13.25 16.76
C ILE B 232 -2.18 -13.55 18.18
N GLN B 233 -2.35 -12.56 19.03
CA GLN B 233 -1.87 -12.57 20.39
C GLN B 233 -3.07 -12.37 21.28
N ILE B 234 -2.83 -12.30 22.58
CA ILE B 234 -3.92 -12.11 23.54
C ILE B 234 -4.55 -10.72 23.47
N ASP B 235 -3.73 -9.68 23.35
CA ASP B 235 -4.22 -8.28 23.30
C ASP B 235 -4.17 -7.63 21.92
N TRP B 236 -3.56 -8.29 20.95
CA TRP B 236 -3.29 -7.67 19.66
C TRP B 236 -3.59 -8.70 18.55
N PRO B 237 -4.22 -8.29 17.44
CA PRO B 237 -4.84 -6.98 17.22
C PRO B 237 -6.10 -6.84 18.05
N THR B 238 -6.67 -5.65 18.08
CA THR B 238 -7.93 -5.47 18.80
C THR B 238 -9.07 -6.16 18.03
N ILE B 239 -10.11 -6.47 18.79
CA ILE B 239 -11.37 -6.96 18.29
C ILE B 239 -11.92 -6.08 17.16
N ASP B 240 -11.93 -4.77 17.41
CA ASP B 240 -12.36 -3.82 16.39
C ASP B 240 -11.49 -3.78 15.13
N GLU B 241 -10.18 -3.89 15.29
CA GLU B 241 -9.30 -4.02 14.12
C GLU B 241 -9.69 -5.27 13.28
N ILE B 242 -9.96 -6.40 13.96
CA ILE B 242 -10.41 -7.61 13.31
C ILE B 242 -11.75 -7.40 12.60
N ARG B 243 -12.72 -6.83 13.31
CA ARG B 243 -14.02 -6.54 12.78
C ARG B 243 -13.94 -5.66 11.52
N THR B 244 -13.20 -4.58 11.65
CA THR B 244 -13.14 -3.57 10.59
C THR B 244 -12.62 -4.21 9.30
N SER B 245 -11.58 -5.03 9.45
CA SER B 245 -10.98 -5.69 8.31
C SER B 245 -12.00 -6.59 7.60
N MET B 246 -12.71 -7.42 8.33
CA MET B 246 -13.73 -8.26 7.72
C MET B 246 -14.91 -7.51 7.06
N GLU B 247 -15.35 -6.48 7.73
CA GLU B 247 -16.41 -5.60 7.16
C GLU B 247 -15.97 -4.90 5.87
N MET B 248 -14.73 -4.43 5.83
CA MET B 248 -14.19 -3.82 4.62
C MET B 248 -14.26 -4.80 3.43
N PHE B 249 -13.80 -6.05 3.62
CA PHE B 249 -13.83 -6.99 2.53
C PHE B 249 -15.25 -7.45 2.15
N ALA B 250 -16.11 -7.60 3.15
CA ALA B 250 -17.51 -7.87 2.90
C ALA B 250 -18.11 -6.71 2.10
N GLY B 251 -17.64 -5.47 2.34
CA GLY B 251 -18.04 -4.33 1.57
C GLY B 251 -17.80 -4.41 0.05
N LEU B 252 -16.79 -5.16 -0.35
CA LEU B 252 -16.55 -5.46 -1.77
C LEU B 252 -17.29 -6.66 -2.33
N GLY B 253 -18.19 -7.26 -1.55
CA GLY B 253 -18.89 -8.48 -1.95
C GLY B 253 -18.03 -9.73 -1.83
N LEU B 254 -16.97 -9.67 -1.02
CA LEU B 254 -16.10 -10.83 -0.76
C LEU B 254 -16.50 -11.60 0.51
N ASP B 255 -16.33 -12.91 0.46
CA ASP B 255 -16.37 -13.73 1.66
C ASP B 255 -15.07 -13.54 2.50
N ASN B 256 -15.18 -13.78 3.80
CA ASN B 256 -14.02 -13.86 4.68
C ASN B 256 -13.94 -15.31 5.21
N GLN B 257 -12.71 -15.81 5.36
CA GLN B 257 -12.42 -16.98 6.18
C GLN B 257 -11.27 -16.64 7.11
N VAL B 258 -11.31 -17.16 8.35
CA VAL B 258 -10.16 -17.23 9.25
C VAL B 258 -9.48 -18.58 8.96
N THR B 259 -8.19 -18.52 8.58
CA THR B 259 -7.53 -19.65 7.96
C THR B 259 -6.48 -20.36 8.76
N GLU B 260 -5.83 -19.66 9.70
CA GLU B 260 -4.66 -20.22 10.38
C GLU B 260 -4.64 -19.76 11.85
N LEU B 261 -5.83 -19.69 12.50
CA LEU B 261 -5.96 -19.07 13.79
C LEU B 261 -5.03 -19.71 14.82
N ASP B 262 -4.22 -18.89 15.48
CA ASP B 262 -3.65 -19.33 16.72
C ASP B 262 -3.52 -18.13 17.63
N VAL B 263 -3.71 -18.33 18.92
CA VAL B 263 -3.62 -17.22 19.91
C VAL B 263 -2.37 -17.49 20.77
N SER B 264 -1.23 -16.94 20.37
CA SER B 264 0.01 -17.05 21.13
C SER B 264 -0.13 -16.53 22.58
N LEU B 265 0.62 -17.18 23.45
CA LEU B 265 0.78 -16.68 24.83
C LEU B 265 1.69 -15.49 24.93
N TYR B 266 2.37 -15.17 23.85
CA TYR B 266 3.41 -14.15 23.89
C TYR B 266 3.13 -12.97 22.98
N GLY B 267 4.02 -11.99 23.09
CA GLY B 267 4.10 -10.90 22.15
C GLY B 267 4.95 -11.30 20.94
N TRP B 268 5.41 -10.25 20.25
CA TRP B 268 6.31 -10.37 19.12
C TRP B 268 7.56 -9.46 19.33
N PRO B 269 8.76 -10.04 19.32
CA PRO B 269 8.98 -11.53 19.22
C PRO B 269 8.58 -12.25 20.51
N PRO B 270 8.42 -13.57 20.46
CA PRO B 270 7.87 -14.26 21.62
C PRO B 270 8.93 -14.47 22.70
N ARG B 271 9.20 -13.40 23.45
CA ARG B 271 10.24 -13.41 24.50
C ARG B 271 9.73 -12.56 25.64
N PRO B 272 9.97 -12.95 26.90
CA PRO B 272 10.49 -14.28 27.24
C PRO B 272 9.37 -15.33 27.13
N ALA B 273 9.73 -16.55 26.73
CA ALA B 273 8.83 -17.71 26.67
C ALA B 273 9.13 -18.71 27.77
N PHE B 274 8.07 -19.35 28.26
CA PHE B 274 8.23 -20.39 29.24
C PHE B 274 8.91 -21.58 28.56
N PRO B 275 9.83 -22.26 29.27
CA PRO B 275 10.61 -23.34 28.64
C PRO B 275 9.89 -24.69 28.34
N THR B 276 8.88 -25.02 29.16
CA THR B 276 8.08 -26.28 29.08
C THR B 276 6.60 -25.92 29.23
N TYR B 277 5.73 -26.78 28.76
CA TYR B 277 4.30 -26.53 28.89
C TYR B 277 3.87 -26.38 30.35
N ASP B 278 4.34 -27.27 31.20
CA ASP B 278 3.86 -27.23 32.59
C ASP B 278 4.51 -26.13 33.40
N ALA B 279 5.48 -25.41 32.83
CA ALA B 279 6.03 -24.21 33.42
C ALA B 279 5.09 -23.02 33.15
N ILE B 280 4.12 -23.17 32.24
CA ILE B 280 3.22 -22.06 31.90
C ILE B 280 2.25 -21.87 33.03
N PRO B 281 2.12 -20.64 33.55
CA PRO B 281 1.21 -20.49 34.66
C PRO B 281 -0.23 -20.41 34.20
N GLN B 282 -1.09 -20.92 35.07
CA GLN B 282 -2.50 -21.01 34.78
C GLN B 282 -3.10 -19.62 34.42
N GLU B 283 -2.59 -18.55 35.00
CA GLU B 283 -3.00 -17.21 34.60
C GLU B 283 -2.89 -16.90 33.06
N ARG B 284 -1.89 -17.47 32.40
CA ARG B 284 -1.78 -17.31 30.93
C ARG B 284 -2.97 -17.93 30.20
N PHE B 285 -3.36 -19.10 30.65
CA PHE B 285 -4.50 -19.78 30.07
C PHE B 285 -5.82 -19.03 30.31
N GLN B 286 -5.92 -18.29 31.42
CA GLN B 286 -7.11 -17.50 31.70
C GLN B 286 -7.25 -16.30 30.81
N ALA B 287 -6.17 -15.58 30.63
CA ALA B 287 -6.20 -14.44 29.74
C ALA B 287 -6.52 -14.90 28.26
N GLN B 288 -5.94 -16.03 27.86
CA GLN B 288 -6.24 -16.66 26.56
C GLN B 288 -7.75 -16.97 26.42
N ALA B 289 -8.32 -17.48 27.50
CA ALA B 289 -9.69 -17.88 27.48
C ALA B 289 -10.63 -16.69 27.25
N ASP B 290 -10.35 -15.61 27.97
CA ASP B 290 -11.10 -14.37 27.76
C ASP B 290 -11.00 -13.88 26.33
N ARG B 291 -9.78 -13.92 25.82
CA ARG B 291 -9.52 -13.54 24.43
C ARG B 291 -10.35 -14.39 23.43
N TYR B 292 -10.34 -15.70 23.64
CA TYR B 292 -11.06 -16.60 22.76
C TYR B 292 -12.59 -16.31 22.81
N ASN B 293 -13.09 -16.02 24.02
CA ASN B 293 -14.50 -15.62 24.18
C ASN B 293 -14.87 -14.49 23.22
N GLN B 294 -14.07 -13.45 23.28
CA GLN B 294 -14.35 -12.27 22.52
C GLN B 294 -14.22 -12.51 21.02
N LEU B 295 -13.18 -13.25 20.63
CA LEU B 295 -13.01 -13.65 19.23
C LEU B 295 -14.23 -14.35 18.66
N PHE B 296 -14.67 -15.43 19.34
CA PHE B 296 -15.79 -16.24 18.84
C PHE B 296 -17.14 -15.55 18.92
N GLU B 297 -17.29 -14.62 19.85
CA GLU B 297 -18.51 -13.74 19.83
C GLU B 297 -18.53 -12.77 18.63
N LEU B 298 -17.35 -12.26 18.28
CA LEU B 298 -17.20 -11.46 17.09
C LEU B 298 -17.46 -12.32 15.83
N TYR B 299 -16.85 -13.51 15.77
CA TYR B 299 -17.07 -14.35 14.59
C TYR B 299 -18.56 -14.65 14.38
N GLU B 300 -19.26 -14.95 15.46
CA GLU B 300 -20.73 -15.20 15.38
C GLU B 300 -21.52 -13.95 14.95
N GLU B 301 -21.21 -12.80 15.54
CA GLU B 301 -21.79 -11.50 15.11
C GLU B 301 -21.59 -11.27 13.59
N LEU B 302 -20.43 -11.66 13.06
CA LEU B 302 -20.09 -11.46 11.65
C LEU B 302 -20.43 -12.63 10.73
N ASP B 303 -21.26 -13.56 11.19
CA ASP B 303 -21.34 -14.87 10.50
C ASP B 303 -21.99 -14.86 9.10
N ALA B 304 -22.74 -13.80 8.78
CA ALA B 304 -23.21 -13.61 7.41
C ALA B 304 -22.00 -13.43 6.48
N ASP B 305 -20.88 -12.89 6.97
CA ASP B 305 -19.72 -12.57 6.12
C ASP B 305 -18.47 -13.41 6.42
N LEU B 306 -18.68 -14.54 7.10
CA LEU B 306 -17.59 -15.39 7.53
C LEU B 306 -18.08 -16.80 7.46
N SER B 307 -17.46 -17.58 6.59
CA SER B 307 -17.93 -18.93 6.25
C SER B 307 -17.18 -20.08 6.92
N SER B 308 -15.96 -19.81 7.41
CA SER B 308 -15.09 -20.87 7.91
C SER B 308 -14.04 -20.29 8.85
N VAL B 309 -13.81 -20.97 9.98
CA VAL B 309 -12.78 -20.63 10.92
C VAL B 309 -11.92 -21.84 11.12
N THR B 310 -10.69 -21.79 10.62
CA THR B 310 -9.69 -22.84 10.75
C THR B 310 -8.55 -22.43 11.75
N PHE B 311 -8.19 -23.34 12.63
CA PHE B 311 -7.09 -23.20 13.54
C PHE B 311 -5.87 -23.80 12.88
N TRP B 312 -4.68 -23.25 13.14
CA TRP B 312 -3.47 -23.75 12.51
C TRP B 312 -2.82 -24.91 13.33
N GLY B 313 -3.65 -25.94 13.53
CA GLY B 313 -3.30 -27.10 14.35
C GLY B 313 -4.50 -27.57 15.14
N ILE B 314 -4.28 -28.60 15.94
CA ILE B 314 -5.36 -29.30 16.65
C ILE B 314 -5.19 -29.01 18.14
N ALA B 315 -4.10 -29.51 18.69
CA ALA B 315 -3.83 -29.39 20.12
C ALA B 315 -2.43 -28.93 20.34
N ASP B 316 -2.17 -28.47 21.57
CA ASP B 316 -0.93 -27.78 21.88
C ASP B 316 0.35 -28.61 21.77
N ASN B 317 0.26 -29.90 21.45
CA ASN B 317 1.45 -30.71 21.26
C ASN B 317 2.08 -30.40 19.90
N HIS B 318 1.34 -29.82 18.98
CA HIS B 318 1.86 -29.57 17.64
C HIS B 318 1.43 -28.16 17.16
N THR B 319 2.39 -27.23 17.22
CA THR B 319 2.23 -25.89 16.70
C THR B 319 3.61 -25.29 16.27
N TRP B 320 3.60 -24.63 15.13
CA TRP B 320 4.74 -23.87 14.61
C TRP B 320 5.15 -22.67 15.47
N LEU B 321 4.26 -22.19 16.33
CA LEU B 321 4.65 -21.23 17.33
C LEU B 321 5.78 -21.68 18.28
N ASP B 322 5.91 -23.01 18.47
CA ASP B 322 7.03 -23.58 19.21
C ASP B 322 8.35 -23.31 18.51
N ASP B 323 8.38 -23.50 17.19
CA ASP B 323 9.60 -23.19 16.40
C ASP B 323 10.01 -21.74 16.67
N ARG B 324 9.05 -20.83 16.68
CA ARG B 324 9.31 -19.40 16.87
C ARG B 324 9.73 -19.09 18.29
N ALA B 325 9.11 -19.72 19.28
CA ALA B 325 9.51 -19.57 20.66
C ALA B 325 10.96 -20.04 20.90
N ARG B 326 11.33 -21.18 20.31
CA ARG B 326 12.71 -21.72 20.40
C ARG B 326 13.74 -20.81 19.72
N GLU B 327 13.39 -20.35 18.52
CA GLU B 327 14.19 -19.37 17.77
C GLU B 327 14.57 -18.11 18.58
N TYR B 328 13.62 -17.55 19.35
CA TYR B 328 13.86 -16.29 20.10
C TYR B 328 14.20 -16.47 21.58
N ASN B 329 14.43 -17.71 22.01
CA ASN B 329 14.74 -18.03 23.41
C ASN B 329 15.79 -19.16 23.50
N ASP B 330 16.83 -19.10 22.66
CA ASP B 330 18.02 -20.01 22.72
C ASP B 330 17.72 -21.49 22.49
N GLY B 331 16.81 -21.76 21.55
CA GLY B 331 16.40 -23.11 21.20
C GLY B 331 15.47 -23.79 22.21
N VAL B 332 14.99 -23.06 23.23
CA VAL B 332 14.11 -23.59 24.31
C VAL B 332 12.86 -22.73 24.52
N GLY B 333 11.67 -23.32 24.32
CA GLY B 333 10.42 -22.56 24.55
C GLY B 333 9.18 -23.25 24.02
N LYS B 334 8.05 -22.93 24.66
CA LYS B 334 6.77 -23.63 24.44
C LYS B 334 5.68 -22.57 24.41
N ASP B 335 4.91 -22.57 23.31
CA ASP B 335 3.68 -21.78 23.23
C ASP B 335 2.50 -22.75 23.42
N ALA B 336 1.29 -22.21 23.46
CA ALA B 336 0.11 -22.98 23.79
C ALA B 336 -1.19 -22.34 23.22
N PRO B 337 -1.34 -22.42 21.90
CA PRO B 337 -2.29 -21.56 21.23
C PRO B 337 -3.76 -21.97 21.10
N PHE B 338 -4.10 -23.24 21.37
CA PHE B 338 -5.39 -23.84 21.00
C PHE B 338 -6.32 -24.00 22.20
N VAL B 339 -7.50 -24.56 21.99
CA VAL B 339 -8.39 -24.85 23.12
C VAL B 339 -8.21 -26.23 23.73
N PHE B 340 -7.24 -26.98 23.19
CA PHE B 340 -6.93 -28.36 23.59
C PHE B 340 -5.42 -28.43 23.90
N ASP B 341 -5.10 -29.01 25.06
CA ASP B 341 -3.74 -29.10 25.58
C ASP B 341 -2.97 -30.28 24.96
N PRO B 342 -1.66 -30.47 25.30
CA PRO B 342 -0.87 -31.51 24.61
C PRO B 342 -1.33 -32.93 24.85
N ASN B 343 -2.12 -33.14 25.92
CA ASN B 343 -2.73 -34.41 26.16
C ASN B 343 -4.12 -34.57 25.57
N TYR B 344 -4.57 -33.63 24.78
CA TYR B 344 -5.92 -33.60 24.23
C TYR B 344 -7.00 -33.38 25.29
N ARG B 345 -6.67 -32.78 26.42
CA ARG B 345 -7.65 -32.34 27.41
C ARG B 345 -8.03 -30.92 27.11
N VAL B 346 -9.25 -30.54 27.43
CA VAL B 346 -9.65 -29.20 27.20
C VAL B 346 -8.94 -28.21 28.13
N LYS B 347 -8.84 -26.98 27.61
CA LYS B 347 -8.34 -25.83 28.28
C LYS B 347 -9.47 -24.85 28.61
N PRO B 348 -9.19 -23.88 29.54
CA PRO B 348 -10.23 -22.90 29.90
C PRO B 348 -10.86 -22.21 28.69
N ALA B 349 -10.11 -22.04 27.62
CA ALA B 349 -10.63 -21.39 26.44
C ALA B 349 -11.75 -22.20 25.77
N PHE B 350 -11.69 -23.52 25.81
CA PHE B 350 -12.76 -24.35 25.26
C PHE B 350 -14.14 -23.95 25.81
N TRP B 351 -14.23 -23.84 27.13
CA TRP B 351 -15.48 -23.55 27.85
C TRP B 351 -16.06 -22.21 27.44
N ARG B 352 -15.17 -21.25 27.18
CA ARG B 352 -15.57 -19.90 26.78
C ARG B 352 -16.02 -19.74 25.34
N ILE B 353 -15.71 -20.71 24.48
CA ILE B 353 -16.24 -20.74 23.11
C ILE B 353 -17.30 -21.80 22.80
N ILE B 354 -17.52 -22.75 23.71
CA ILE B 354 -18.62 -23.73 23.50
C ILE B 354 -19.97 -23.24 24.03
N ASP B 355 -19.95 -22.30 24.99
CA ASP B 355 -21.20 -21.74 25.58
C ASP B 355 -21.99 -20.79 24.66
MG MG C . -11.73 32.53 -19.96
C1 PGO D . 8.38 30.69 -28.96
C2 PGO D . 9.49 29.63 -28.88
C3 PGO D . 9.76 28.93 -30.21
O1 PGO D . 7.08 30.11 -28.96
O2 PGO D . 9.11 28.62 -27.92
NA NA E . -4.26 36.45 -4.99
MG MG F . -18.43 -17.52 24.96
C1 PGO G . -9.23 -37.39 23.63
C2 PGO G . -8.42 -38.69 23.65
C3 PGO G . -7.44 -38.75 22.48
O1 PGO G . -10.44 -37.55 22.91
O2 PGO G . -9.29 -39.84 23.69
NA NA H . -21.37 -17.91 7.99
#